data_9IY8
#
_entry.id   9IY8
#
_cell.length_a   1.00
_cell.length_b   1.00
_cell.length_c   1.00
_cell.angle_alpha   90.00
_cell.angle_beta   90.00
_cell.angle_gamma   90.00
#
_symmetry.space_group_name_H-M   'P 1'
#
loop_
_entity.id
_entity.type
_entity.pdbx_description
1 polymer 'Guanine nucleotide-binding protein G(I)/G(S)/G(T) subunit beta-1'
2 polymer 'Guanine nucleotide-binding protein G(I)/G(S)/G(O) subunit gamma-2'
3 polymer 'G-protein coupled receptor 55'
4 polymer scFV16
5 polymer 'Guanine nucleotide-binding protein subunit alpha-13'
#
loop_
_entity_poly.entity_id
_entity_poly.type
_entity_poly.pdbx_seq_one_letter_code
_entity_poly.pdbx_strand_id
1 'polypeptide(L)'
;IGRARGFSELDQLRQEAEQLKNQIRDARKACADATLSQITNNIDPVGRIQMRTRRTLRGHLAKIYAMHWGTDSRLLVSAS
QDGKLIIWDSYTTNKVHAIPLRSSWVMTCAYAPSGNYVACGGLDNICSIYNLKTREGNVRVSRELAGHTGYLSCCRFLDD
NQIVTSSGDTTCALWDIETGQQTTTFTGHTGDVMSLSLAPDTRLFVSGACDASAKLWDVREGMCRQTFTGHESDINAICF
FPNGNAFATGSDDATCRLFDLRADQELMTYSHDNIICGITSVSFSKSGRLLLAGYDDFNCNVWDALKADRAGVLAGHDNR
VSCLGVTDDGMAVATGSWDSFLKIWN
;
B
2 'polypeptide(L)' ASNNTASIAQARKLVEQLKMEANIDRIKVSKAAADLMAYCEAHAKEDPLLTPVPASENPFREKKFFCAIL G
3 'polypeptide(L)'
;SQQNTSGDCLFDGVNELMKTLQFAVHIPTFVLGLLLNLLAIHGFSTFLKNRWPDYAATSIYMINLAVFDLLLVLSLPFKM
VLSQVQSPFPSLCTLVECLYFVSMYGSVFTRCFISMDRFLAIRYPLLVSHLRSPRKIFGICCTIWVLVWTGSIPIYSFHG
KVEKYMCFHNMSDDTWSAKVFFPLEVFGFLLPMGIMGFCCSRSIHILLGRRDHTQDWVQQKACIYSIAASLAVFVVSFLP
VHLGFFLQFLVRNSFIVECRAKQSISFFLQLSMCFSNVNCCLDVFCYYFVIKEFRMNIRAHRPSRVQLVLQDTTISRG
;
R
4 'polypeptide(L)'
;DVQLVESGGGLVQPGGSRKLSCSASGFAFSSFGMHWVRQAPEKGLEWVAYISSGSGTIYYADTVKGRFTISRDDPKNTLF
LQMTSLRSEDTAMYYCVRSIYYYGSSPFDFWGQGTTLTVSSGGGGSGGGGSGGGSSDIVMTQATSSVPVTPGESVSISCR
SSKSLLHSNGNTYLYWFLQRPGQSPQLLIYRMSNLASGVPDRFSGSGSGTAFTLTISRLEAEDVGVYYCMQHLEYPLTFG
AGTKLELKAAA
;
S
5 'polypeptide(L)'
;MGSTLSAEDKAAAERSKEIDKCLSREKTYVKRLVKILLLGADNSGKSTFLKQMRIIHGGSGGSGGTKGIHEYDFEIKNVP
FKMVDVGGQRSERKRWFECFDSVTSILFLVDSSDFNRLTESLNDFETIVNNRVFSNVSIILFLNKTDLLEEKVQIVSIKD
YFLEFEGDPHCLRDVQKFLVECFRNKRRDQQQKPLYHHFTTAINTENARLIFRDVKDTILHDNLKQLMLQ
;
A
#
# COMPACT_ATOMS: atom_id res chain seq x y z
N GLU A 9 -4.13 39.10 -41.33
CA GLU A 9 -3.73 37.76 -41.73
C GLU A 9 -4.11 36.74 -40.65
N LEU A 10 -3.90 37.10 -39.39
CA LEU A 10 -4.25 36.21 -38.30
C LEU A 10 -5.77 36.03 -38.19
N ASP A 11 -6.52 37.09 -38.47
CA ASP A 11 -7.98 36.98 -38.45
C ASP A 11 -8.47 35.97 -39.47
N GLN A 12 -8.02 36.11 -40.72
CA GLN A 12 -8.41 35.14 -41.74
C GLN A 12 -7.82 33.76 -41.45
N LEU A 13 -6.66 33.71 -40.79
CA LEU A 13 -6.09 32.42 -40.41
C LEU A 13 -7.03 31.67 -39.48
N ARG A 14 -7.47 32.32 -38.40
CA ARG A 14 -8.48 31.71 -37.55
C ARG A 14 -9.77 31.48 -38.31
N GLN A 15 -10.03 32.27 -39.36
CA GLN A 15 -11.24 32.08 -40.14
C GLN A 15 -11.25 30.73 -40.85
N GLU A 16 -10.19 30.39 -41.59
CA GLU A 16 -10.22 29.08 -42.21
C GLU A 16 -9.93 27.97 -41.20
N ALA A 17 -9.34 28.31 -40.05
CA ALA A 17 -9.29 27.32 -38.97
C ALA A 17 -10.69 26.90 -38.54
N GLU A 18 -11.55 27.87 -38.27
CA GLU A 18 -12.93 27.57 -37.92
C GLU A 18 -13.65 26.92 -39.10
N GLN A 19 -13.32 27.32 -40.32
CA GLN A 19 -13.94 26.72 -41.50
C GLN A 19 -13.62 25.23 -41.60
N LEU A 20 -12.36 24.87 -41.37
CA LEU A 20 -11.99 23.47 -41.34
C LEU A 20 -12.65 22.74 -40.18
N LYS A 21 -12.82 23.43 -39.05
CA LYS A 21 -13.55 22.83 -37.93
C LYS A 21 -14.97 22.46 -38.34
N ASN A 22 -15.69 23.39 -38.96
CA ASN A 22 -17.04 23.07 -39.43
C ASN A 22 -17.02 22.01 -40.52
N GLN A 23 -16.01 22.01 -41.39
CA GLN A 23 -15.93 21.02 -42.44
C GLN A 23 -15.80 19.62 -41.87
N ILE A 24 -14.91 19.45 -40.89
CA ILE A 24 -14.72 18.12 -40.30
C ILE A 24 -15.94 17.72 -39.48
N ARG A 25 -16.57 18.67 -38.77
CA ARG A 25 -17.77 18.30 -38.02
C ARG A 25 -18.90 17.88 -38.97
N ASP A 26 -19.05 18.60 -40.09
CA ASP A 26 -20.07 18.23 -41.06
C ASP A 26 -19.78 16.88 -41.70
N ALA A 27 -18.51 16.60 -42.00
CA ALA A 27 -18.15 15.30 -42.57
C ALA A 27 -18.48 14.18 -41.58
N ARG A 28 -18.14 14.37 -40.31
CA ARG A 28 -18.45 13.37 -39.30
C ARG A 28 -19.95 13.17 -39.16
N LYS A 29 -20.72 14.26 -39.13
CA LYS A 29 -22.17 14.16 -38.96
C LYS A 29 -22.81 13.47 -40.15
N ALA A 30 -22.38 13.82 -41.37
CA ALA A 30 -22.93 13.18 -42.56
C ALA A 30 -22.56 11.71 -42.62
N CYS A 31 -21.38 11.35 -42.11
CA CYS A 31 -21.02 9.94 -42.03
C CYS A 31 -21.71 9.24 -40.87
N ALA A 32 -22.41 9.99 -40.00
CA ALA A 32 -23.05 9.42 -38.82
C ALA A 32 -24.53 9.19 -39.10
N ASP A 33 -24.83 8.06 -39.74
CA ASP A 33 -26.23 7.72 -39.99
C ASP A 33 -26.91 7.22 -38.73
N ALA A 34 -26.25 6.36 -37.96
CA ALA A 34 -26.84 5.78 -36.78
C ALA A 34 -25.75 5.50 -35.75
N THR A 35 -26.16 5.39 -34.50
CA THR A 35 -25.25 5.16 -33.38
C THR A 35 -25.11 3.67 -33.10
N LEU A 36 -23.98 3.32 -32.46
CA LEU A 36 -23.78 1.94 -32.04
C LEU A 36 -24.81 1.53 -30.99
N SER A 37 -25.37 2.50 -30.27
CA SER A 37 -26.41 2.19 -29.29
C SER A 37 -27.64 1.58 -29.96
N GLN A 38 -28.04 2.12 -31.11
CA GLN A 38 -29.25 1.63 -31.77
C GLN A 38 -29.00 0.29 -32.47
N ILE A 39 -27.77 0.04 -32.92
CA ILE A 39 -27.47 -1.18 -33.66
C ILE A 39 -27.14 -2.35 -32.75
N THR A 40 -27.16 -2.16 -31.44
CA THR A 40 -26.71 -3.18 -30.50
C THR A 40 -27.85 -3.85 -29.73
N ASN A 41 -29.07 -3.32 -29.78
CA ASN A 41 -30.17 -3.90 -29.01
C ASN A 41 -30.50 -5.31 -29.47
N ASN A 42 -30.21 -5.66 -30.73
CA ASN A 42 -30.60 -6.96 -31.26
C ASN A 42 -29.84 -8.09 -30.58
N ILE A 43 -28.56 -7.89 -30.29
CA ILE A 43 -27.70 -8.98 -29.85
C ILE A 43 -27.85 -9.21 -28.36
N ASP A 44 -27.45 -10.41 -27.91
CA ASP A 44 -27.68 -10.83 -26.54
C ASP A 44 -26.89 -9.96 -25.56
N PRO A 45 -27.47 -9.56 -24.44
CA PRO A 45 -26.72 -8.76 -23.48
C PRO A 45 -25.70 -9.59 -22.70
N VAL A 46 -24.72 -8.88 -22.15
CA VAL A 46 -23.61 -9.54 -21.48
C VAL A 46 -24.06 -10.30 -20.24
N GLY A 47 -25.23 -9.95 -19.70
CA GLY A 47 -25.68 -10.58 -18.47
C GLY A 47 -25.00 -10.00 -17.25
N ARG A 48 -24.94 -10.77 -16.17
CA ARG A 48 -24.29 -10.33 -14.94
C ARG A 48 -22.93 -10.99 -14.88
N ILE A 49 -21.89 -10.19 -14.71
CA ILE A 49 -20.52 -10.68 -14.62
C ILE A 49 -20.00 -10.44 -13.20
N GLN A 50 -19.57 -11.50 -12.54
CA GLN A 50 -19.09 -11.44 -11.16
C GLN A 50 -17.63 -11.87 -11.12
N MET A 51 -16.79 -11.02 -10.54
CA MET A 51 -15.37 -11.31 -10.35
C MET A 51 -15.06 -11.29 -8.86
N ARG A 52 -14.04 -12.05 -8.49
CA ARG A 52 -13.64 -12.19 -7.10
C ARG A 52 -12.12 -12.11 -6.98
N THR A 53 -11.65 -11.72 -5.80
CA THR A 53 -10.23 -11.56 -5.57
C THR A 53 -9.53 -12.91 -5.51
N ARG A 54 -8.97 -13.34 -6.64
CA ARG A 54 -8.22 -14.60 -6.64
C ARG A 54 -6.95 -14.48 -5.81
N ARG A 55 -6.17 -13.43 -6.04
CA ARG A 55 -4.96 -13.17 -5.27
C ARG A 55 -4.94 -11.70 -4.87
N THR A 56 -4.40 -11.44 -3.68
CA THR A 56 -4.23 -10.09 -3.16
C THR A 56 -2.75 -9.85 -2.88
N LEU A 57 -2.05 -9.30 -3.87
CA LEU A 57 -0.62 -9.03 -3.74
C LEU A 57 -0.42 -7.90 -2.74
N ARG A 58 0.34 -8.17 -1.68
CA ARG A 58 0.61 -7.20 -0.64
C ARG A 58 2.12 -7.10 -0.42
N GLY A 59 2.54 -5.97 0.12
CA GLY A 59 3.95 -5.71 0.34
C GLY A 59 4.36 -4.28 0.07
N HIS A 60 3.59 -3.59 -0.77
CA HIS A 60 3.86 -2.18 -1.03
C HIS A 60 3.56 -1.35 0.21
N LEU A 61 4.36 -0.30 0.43
CA LEU A 61 4.22 0.54 1.60
C LEU A 61 3.37 1.77 1.36
N ALA A 62 3.05 2.11 0.12
CA ALA A 62 2.35 3.33 -0.19
C ALA A 62 1.39 3.10 -1.35
N LYS A 63 0.73 4.16 -1.77
CA LYS A 63 -0.31 4.06 -2.79
C LYS A 63 0.29 3.68 -4.14
N ILE A 64 -0.35 2.74 -4.81
CA ILE A 64 0.04 2.32 -6.15
C ILE A 64 -0.47 3.37 -7.15
N TYR A 65 0.34 3.65 -8.17
CA TYR A 65 -0.06 4.55 -9.23
C TYR A 65 -0.07 3.93 -10.62
N ALA A 66 0.61 2.82 -10.83
CA ALA A 66 0.61 2.19 -12.15
C ALA A 66 0.96 0.72 -12.01
N MET A 67 0.36 -0.08 -12.87
CA MET A 67 0.68 -1.50 -12.98
C MET A 67 0.60 -1.89 -14.45
N HIS A 68 1.50 -2.77 -14.87
CA HIS A 68 1.52 -3.24 -16.26
C HIS A 68 1.71 -4.75 -16.27
N TRP A 69 0.86 -5.43 -17.03
CA TRP A 69 0.94 -6.87 -17.16
C TRP A 69 2.02 -7.25 -18.17
N GLY A 70 2.78 -8.29 -17.84
CA GLY A 70 3.76 -8.80 -18.78
C GLY A 70 3.10 -9.58 -19.91
N THR A 71 3.88 -9.85 -20.96
CA THR A 71 3.36 -10.59 -22.10
C THR A 71 3.07 -12.03 -21.73
N ASP A 72 3.81 -12.60 -20.78
CA ASP A 72 3.55 -13.96 -20.33
C ASP A 72 2.28 -14.08 -19.51
N SER A 73 1.66 -12.97 -19.15
CA SER A 73 0.41 -12.94 -18.38
C SER A 73 0.57 -13.56 -17.00
N ARG A 74 1.78 -13.54 -16.45
CA ARG A 74 2.01 -14.09 -15.11
C ARG A 74 2.78 -13.11 -14.24
N LEU A 75 3.55 -12.23 -14.88
CA LEU A 75 4.38 -11.25 -14.18
C LEU A 75 3.79 -9.86 -14.39
N LEU A 76 3.67 -9.09 -13.31
CA LEU A 76 3.21 -7.72 -13.37
C LEU A 76 4.13 -6.84 -12.55
N VAL A 77 4.27 -5.59 -12.98
CA VAL A 77 5.15 -4.61 -12.34
C VAL A 77 4.29 -3.50 -11.74
N SER A 78 4.62 -3.09 -10.52
CA SER A 78 3.83 -2.12 -9.78
C SER A 78 4.73 -1.01 -9.26
N ALA A 79 4.21 0.22 -9.27
CA ALA A 79 4.93 1.41 -8.84
C ALA A 79 4.15 2.10 -7.73
N SER A 80 4.87 2.67 -6.77
CA SER A 80 4.23 3.33 -5.63
C SER A 80 5.18 4.39 -5.08
N GLN A 81 4.65 5.19 -4.15
CA GLN A 81 5.38 6.33 -3.60
C GLN A 81 6.55 5.93 -2.71
N ASP A 82 6.68 4.67 -2.33
CA ASP A 82 7.88 4.26 -1.60
C ASP A 82 9.10 4.16 -2.50
N GLY A 83 8.97 4.57 -3.76
CA GLY A 83 10.08 4.50 -4.71
C GLY A 83 10.52 3.09 -5.01
N LYS A 84 9.57 2.16 -5.12
CA LYS A 84 9.89 0.76 -5.31
C LYS A 84 9.07 0.19 -6.45
N LEU A 85 9.74 -0.46 -7.39
CA LEU A 85 9.09 -1.24 -8.44
C LEU A 85 9.13 -2.71 -8.03
N ILE A 86 7.97 -3.32 -7.86
CA ILE A 86 7.87 -4.70 -7.41
C ILE A 86 7.25 -5.53 -8.53
N ILE A 87 7.93 -6.61 -8.90
CA ILE A 87 7.44 -7.54 -9.90
C ILE A 87 6.89 -8.76 -9.18
N TRP A 88 5.66 -9.14 -9.52
CA TRP A 88 4.94 -10.19 -8.80
C TRP A 88 4.75 -11.40 -9.71
N ASP A 89 4.99 -12.58 -9.17
CA ASP A 89 4.55 -13.81 -9.79
C ASP A 89 3.10 -14.01 -9.34
N SER A 90 2.17 -13.52 -10.16
CA SER A 90 0.76 -13.48 -9.78
C SER A 90 0.22 -14.86 -9.48
N TYR A 91 0.74 -15.90 -10.14
CA TYR A 91 0.25 -17.25 -9.90
C TYR A 91 0.53 -17.69 -8.47
N THR A 92 1.70 -17.35 -7.94
CA THR A 92 2.12 -17.79 -6.61
C THR A 92 2.37 -16.62 -5.66
N THR A 93 1.81 -15.44 -5.98
CA THR A 93 1.94 -14.20 -5.20
C THR A 93 3.34 -14.00 -4.64
N ASN A 94 4.35 -14.36 -5.41
CA ASN A 94 5.74 -14.24 -4.99
C ASN A 94 6.36 -13.00 -5.61
N LYS A 95 7.02 -12.20 -4.79
CA LYS A 95 7.76 -11.05 -5.31
C LYS A 95 9.01 -11.54 -6.03
N VAL A 96 9.20 -11.08 -7.26
CA VAL A 96 10.35 -11.48 -8.05
C VAL A 96 11.51 -10.52 -7.87
N HIS A 97 11.26 -9.22 -8.06
CA HIS A 97 12.27 -8.21 -7.86
C HIS A 97 11.66 -7.03 -7.10
N ALA A 98 12.49 -6.34 -6.34
CA ALA A 98 12.12 -5.11 -5.65
C ALA A 98 13.13 -4.04 -6.06
N ILE A 99 12.75 -3.20 -7.00
CA ILE A 99 13.65 -2.23 -7.60
C ILE A 99 13.50 -0.91 -6.85
N PRO A 100 14.52 -0.44 -6.13
CA PRO A 100 14.44 0.85 -5.45
C PRO A 100 14.64 2.00 -6.43
N LEU A 101 13.55 2.71 -6.70
CA LEU A 101 13.60 3.79 -7.70
C LEU A 101 14.39 4.98 -7.17
N ARG A 102 15.08 5.65 -8.10
CA ARG A 102 15.85 6.84 -7.74
C ARG A 102 14.94 7.96 -7.24
N SER A 103 13.78 8.14 -7.88
CA SER A 103 12.80 9.14 -7.49
C SER A 103 11.55 8.46 -6.98
N SER A 104 11.09 8.86 -5.80
CA SER A 104 9.94 8.21 -5.18
C SER A 104 8.61 8.67 -5.77
N TRP A 105 8.61 9.70 -6.61
CA TRP A 105 7.38 10.21 -7.21
C TRP A 105 7.10 9.56 -8.55
N VAL A 106 7.09 8.23 -8.59
CA VAL A 106 6.84 7.51 -9.82
C VAL A 106 5.35 7.54 -10.13
N MET A 107 5.02 7.77 -11.40
CA MET A 107 3.64 7.90 -11.83
C MET A 107 3.29 7.00 -13.00
N THR A 108 4.23 6.20 -13.49
CA THR A 108 3.93 5.26 -14.55
C THR A 108 4.96 4.13 -14.50
N CYS A 109 4.54 2.95 -14.92
CA CYS A 109 5.42 1.80 -15.02
C CYS A 109 5.05 1.02 -16.27
N ALA A 110 6.05 0.36 -16.86
CA ALA A 110 5.86 -0.38 -18.10
C ALA A 110 6.60 -1.70 -18.02
N TYR A 111 6.11 -2.68 -18.78
CA TYR A 111 6.78 -3.96 -18.95
C TYR A 111 7.06 -4.16 -20.44
N ALA A 112 8.31 -4.46 -20.76
CA ALA A 112 8.68 -4.67 -22.15
C ALA A 112 7.97 -5.90 -22.69
N PRO A 113 7.54 -5.89 -23.96
CA PRO A 113 6.91 -7.09 -24.51
C PRO A 113 7.80 -8.32 -24.47
N SER A 114 9.11 -8.14 -24.65
CA SER A 114 10.03 -9.25 -24.48
C SER A 114 10.07 -9.72 -23.04
N GLY A 115 9.97 -8.79 -22.09
CA GLY A 115 10.03 -9.11 -20.68
C GLY A 115 11.36 -8.86 -20.02
N ASN A 116 12.34 -8.33 -20.75
CA ASN A 116 13.66 -8.08 -20.21
C ASN A 116 13.81 -6.70 -19.57
N TYR A 117 12.84 -5.81 -19.77
CA TYR A 117 12.96 -4.44 -19.29
C TYR A 117 11.67 -3.99 -18.64
N VAL A 118 11.81 -3.08 -17.67
CA VAL A 118 10.69 -2.34 -17.11
C VAL A 118 11.08 -0.87 -17.03
N ALA A 119 10.15 0.00 -17.38
CA ALA A 119 10.39 1.44 -17.41
C ALA A 119 9.48 2.15 -16.43
N CYS A 120 10.05 3.08 -15.66
CA CYS A 120 9.29 3.87 -14.70
C CYS A 120 9.56 5.35 -14.94
N GLY A 121 8.57 6.17 -14.62
CA GLY A 121 8.71 7.60 -14.78
C GLY A 121 7.76 8.33 -13.85
N GLY A 122 8.07 9.61 -13.62
CA GLY A 122 7.25 10.41 -12.73
C GLY A 122 7.58 11.89 -12.77
N LEU A 123 7.56 12.54 -11.62
CA LEU A 123 7.81 13.97 -11.54
C LEU A 123 9.26 14.34 -11.87
N ASP A 124 10.15 13.35 -11.95
CA ASP A 124 11.54 13.63 -12.32
C ASP A 124 11.70 13.94 -13.80
N ASN A 125 10.61 13.84 -14.58
CA ASN A 125 10.63 14.10 -16.02
C ASN A 125 11.56 13.16 -16.78
N ILE A 126 11.88 12.01 -16.18
CA ILE A 126 12.83 11.06 -16.75
C ILE A 126 12.17 9.69 -16.77
N CYS A 127 12.19 9.04 -17.94
CA CYS A 127 11.75 7.66 -18.07
C CYS A 127 12.98 6.76 -17.98
N SER A 128 13.07 5.98 -16.91
CA SER A 128 14.24 5.17 -16.63
C SER A 128 13.97 3.72 -17.00
N ILE A 129 14.84 3.15 -17.82
CA ILE A 129 14.72 1.76 -18.25
C ILE A 129 15.53 0.88 -17.30
N TYR A 130 14.89 -0.16 -16.79
CA TYR A 130 15.52 -1.08 -15.84
C TYR A 130 15.71 -2.43 -16.51
N ASN A 131 16.92 -2.96 -16.44
CA ASN A 131 17.25 -4.24 -17.04
C ASN A 131 17.02 -5.34 -16.00
N LEU A 132 16.17 -6.31 -16.34
CA LEU A 132 15.82 -7.38 -15.41
C LEU A 132 16.65 -8.64 -15.58
N LYS A 133 17.23 -8.85 -16.75
CA LYS A 133 18.00 -10.06 -17.05
C LYS A 133 19.46 -9.66 -17.26
N THR A 134 20.22 -9.61 -16.17
CA THR A 134 21.63 -9.27 -16.21
C THR A 134 22.44 -10.34 -15.49
N ARG A 135 23.72 -10.42 -15.84
CA ARG A 135 24.58 -11.45 -15.27
C ARG A 135 24.81 -11.23 -13.78
N GLU A 136 24.80 -9.98 -13.32
CA GLU A 136 25.04 -9.70 -11.91
C GLU A 136 23.89 -10.16 -11.02
N GLY A 137 22.69 -10.33 -11.59
CA GLY A 137 21.56 -10.84 -10.85
C GLY A 137 20.71 -9.79 -10.15
N ASN A 138 21.14 -8.54 -10.14
CA ASN A 138 20.38 -7.45 -9.54
C ASN A 138 19.93 -6.49 -10.63
N VAL A 139 18.67 -6.04 -10.53
CA VAL A 139 18.12 -5.15 -11.55
C VAL A 139 18.89 -3.84 -11.53
N ARG A 140 19.45 -3.48 -12.68
CA ARG A 140 20.25 -2.27 -12.82
C ARG A 140 19.55 -1.31 -13.78
N VAL A 141 19.88 -0.04 -13.66
CA VAL A 141 19.33 0.99 -14.55
C VAL A 141 20.08 0.90 -15.87
N SER A 142 19.32 0.74 -16.96
CA SER A 142 19.93 0.61 -18.28
C SER A 142 20.07 1.96 -18.98
N ARG A 143 19.06 2.81 -18.88
CA ARG A 143 19.11 4.11 -19.55
C ARG A 143 18.13 5.06 -18.87
N GLU A 144 18.57 6.30 -18.67
CA GLU A 144 17.74 7.37 -18.12
C GLU A 144 17.41 8.33 -19.26
N LEU A 145 16.30 8.09 -19.93
CA LEU A 145 15.89 8.93 -21.05
C LEU A 145 15.40 10.28 -20.53
N ALA A 146 16.09 11.34 -20.92
CA ALA A 146 15.76 12.69 -20.47
C ALA A 146 15.62 13.61 -21.68
N GLY A 147 14.89 14.69 -21.48
CA GLY A 147 14.62 15.63 -22.56
C GLY A 147 13.23 16.21 -22.48
N HIS A 148 12.38 15.63 -21.62
CA HIS A 148 11.03 16.13 -21.43
C HIS A 148 11.01 17.18 -20.33
N THR A 149 10.31 18.28 -20.59
CA THR A 149 10.18 19.36 -19.64
C THR A 149 8.96 19.21 -18.74
N GLY A 150 8.25 18.08 -18.84
CA GLY A 150 7.09 17.84 -18.01
C GLY A 150 7.18 16.48 -17.33
N TYR A 151 6.31 16.30 -16.35
CA TYR A 151 6.28 15.05 -15.60
C TYR A 151 5.87 13.89 -16.49
N LEU A 152 6.58 12.79 -16.36
CA LEU A 152 6.23 11.58 -17.09
C LEU A 152 4.92 11.01 -16.57
N SER A 153 3.98 10.75 -17.48
CA SER A 153 2.66 10.27 -17.12
C SER A 153 2.38 8.85 -17.58
N CYS A 154 2.91 8.45 -18.73
CA CYS A 154 2.70 7.09 -19.23
C CYS A 154 3.77 6.78 -20.26
N CYS A 155 4.36 5.58 -20.14
CA CYS A 155 5.38 5.13 -21.08
C CYS A 155 5.07 3.69 -21.46
N ARG A 156 5.14 3.40 -22.76
CA ARG A 156 4.87 2.07 -23.29
C ARG A 156 5.98 1.66 -24.23
N PHE A 157 6.42 0.40 -24.12
CA PHE A 157 7.46 -0.13 -24.98
C PHE A 157 6.88 -0.57 -26.32
N LEU A 158 7.63 -0.30 -27.39
CA LEU A 158 7.34 -0.93 -28.68
C LEU A 158 8.18 -2.18 -28.87
N ASP A 159 9.49 -2.01 -28.89
CA ASP A 159 10.47 -3.09 -28.88
C ASP A 159 11.36 -2.92 -27.64
N ASP A 160 12.42 -3.72 -27.57
CA ASP A 160 13.40 -3.54 -26.51
C ASP A 160 14.20 -2.26 -26.65
N ASN A 161 14.11 -1.58 -27.79
CA ASN A 161 14.87 -0.37 -28.04
C ASN A 161 14.03 0.89 -28.18
N GLN A 162 12.80 0.79 -28.66
CA GLN A 162 11.93 1.95 -28.89
C GLN A 162 10.86 1.99 -27.80
N ILE A 163 10.69 3.16 -27.20
CA ILE A 163 9.69 3.37 -26.16
C ILE A 163 9.05 4.74 -26.38
N VAL A 164 7.72 4.79 -26.27
CA VAL A 164 6.97 6.03 -26.41
C VAL A 164 6.57 6.53 -25.03
N THR A 165 6.91 7.78 -24.73
CA THR A 165 6.65 8.38 -23.43
C THR A 165 5.79 9.62 -23.63
N SER A 166 4.79 9.78 -22.78
CA SER A 166 3.92 10.95 -22.76
C SER A 166 4.11 11.69 -21.45
N SER A 167 4.25 13.01 -21.53
CA SER A 167 4.54 13.83 -20.37
C SER A 167 3.55 14.99 -20.28
N GLY A 168 3.69 15.77 -19.22
CA GLY A 168 2.86 16.93 -18.99
C GLY A 168 3.27 18.18 -19.74
N ASP A 169 4.33 18.09 -20.55
CA ASP A 169 4.76 19.20 -21.39
C ASP A 169 4.05 19.22 -22.74
N THR A 170 2.86 18.61 -22.83
CA THR A 170 2.00 18.63 -24.00
C THR A 170 2.64 17.95 -25.22
N THR A 171 3.64 17.10 -25.02
CA THR A 171 4.33 16.45 -26.13
C THR A 171 4.66 15.02 -25.76
N CYS A 172 4.08 14.07 -26.50
CA CYS A 172 4.56 12.70 -26.46
C CYS A 172 5.77 12.56 -27.37
N ALA A 173 6.60 11.55 -27.08
CA ALA A 173 7.81 11.38 -27.86
C ALA A 173 8.17 9.90 -27.96
N LEU A 174 8.77 9.54 -29.08
CA LEU A 174 9.31 8.21 -29.30
C LEU A 174 10.82 8.25 -29.11
N TRP A 175 11.34 7.39 -28.25
CA TRP A 175 12.74 7.40 -27.87
C TRP A 175 13.51 6.29 -28.57
N ASP A 176 14.81 6.25 -28.30
CA ASP A 176 15.70 5.20 -28.75
C ASP A 176 16.62 4.86 -27.59
N ILE A 177 16.37 3.73 -26.95
CA ILE A 177 17.05 3.41 -25.68
C ILE A 177 18.55 3.30 -25.88
N GLU A 178 18.97 2.67 -26.99
CA GLU A 178 20.41 2.50 -27.24
C GLU A 178 21.12 3.84 -27.34
N THR A 179 20.54 4.77 -28.09
CA THR A 179 21.13 6.10 -28.19
C THR A 179 20.83 6.96 -26.96
N GLY A 180 19.66 6.77 -26.37
CA GLY A 180 19.26 7.58 -25.24
C GLY A 180 18.73 8.95 -25.59
N GLN A 181 18.57 9.25 -26.87
CA GLN A 181 18.11 10.55 -27.34
C GLN A 181 16.71 10.43 -27.94
N GLN A 182 15.99 11.55 -27.90
CA GLN A 182 14.68 11.62 -28.52
C GLN A 182 14.80 11.43 -30.03
N THR A 183 13.81 10.78 -30.62
CA THR A 183 13.79 10.51 -32.05
C THR A 183 12.73 11.33 -32.77
N THR A 184 11.47 11.23 -32.34
CA THR A 184 10.38 12.01 -32.92
C THR A 184 9.54 12.57 -31.79
N THR A 185 9.21 13.86 -31.87
CA THR A 185 8.40 14.53 -30.87
C THR A 185 6.98 14.65 -31.41
N PHE A 186 6.04 14.00 -30.72
CA PHE A 186 4.64 13.99 -31.14
C PHE A 186 3.93 15.20 -30.52
N THR A 187 4.19 16.37 -31.09
CA THR A 187 3.62 17.62 -30.62
C THR A 187 2.28 17.89 -31.28
N GLY A 188 1.49 18.74 -30.64
CA GLY A 188 0.18 19.08 -31.16
C GLY A 188 -0.87 19.21 -30.07
N HIS A 189 -0.71 18.47 -28.98
CA HIS A 189 -1.61 18.62 -27.85
C HIS A 189 -1.38 19.97 -27.18
N THR A 190 -2.46 20.56 -26.67
CA THR A 190 -2.40 21.84 -25.99
C THR A 190 -2.44 21.70 -24.47
N GLY A 191 -2.36 20.47 -23.94
CA GLY A 191 -2.42 20.25 -22.52
C GLY A 191 -1.58 19.08 -22.10
N ASP A 192 -1.49 18.89 -20.78
CA ASP A 192 -0.61 17.87 -20.21
C ASP A 192 -1.11 16.48 -20.57
N VAL A 193 -0.27 15.71 -21.25
CA VAL A 193 -0.67 14.36 -21.66
C VAL A 193 -0.72 13.44 -20.45
N MET A 194 -1.78 12.64 -20.36
CA MET A 194 -2.07 11.86 -19.17
C MET A 194 -1.87 10.36 -19.35
N SER A 195 -2.18 9.82 -20.53
CA SER A 195 -2.10 8.39 -20.75
C SER A 195 -1.82 8.10 -22.21
N LEU A 196 -1.34 6.89 -22.46
CA LEU A 196 -1.07 6.43 -23.82
C LEU A 196 -1.40 4.94 -23.90
N SER A 197 -1.77 4.50 -25.10
CA SER A 197 -2.07 3.08 -25.34
C SER A 197 -1.63 2.75 -26.75
N LEU A 198 -0.55 1.99 -26.88
CA LEU A 198 -0.04 1.59 -28.17
C LEU A 198 -1.02 0.65 -28.88
N ALA A 199 -1.10 0.78 -30.20
CA ALA A 199 -1.93 -0.11 -30.97
C ALA A 199 -1.38 -1.53 -30.93
N PRO A 200 -2.23 -2.54 -31.12
CA PRO A 200 -1.73 -3.92 -31.13
C PRO A 200 -0.68 -4.18 -32.20
N ASP A 201 -0.76 -3.49 -33.34
CA ASP A 201 0.26 -3.62 -34.37
C ASP A 201 1.48 -2.74 -34.13
N THR A 202 1.47 -1.94 -33.08
CA THR A 202 2.58 -1.09 -32.66
C THR A 202 3.00 -0.09 -33.74
N ARG A 203 2.06 0.33 -34.58
CA ARG A 203 2.33 1.37 -35.57
C ARG A 203 1.63 2.69 -35.26
N LEU A 204 0.67 2.69 -34.34
CA LEU A 204 -0.05 3.89 -33.96
C LEU A 204 -0.22 3.90 -32.44
N PHE A 205 -0.48 5.09 -31.90
CA PHE A 205 -0.75 5.21 -30.48
C PHE A 205 -1.57 6.47 -30.23
N VAL A 206 -2.44 6.41 -29.23
CA VAL A 206 -3.33 7.50 -28.89
C VAL A 206 -2.92 8.06 -27.52
N SER A 207 -3.42 9.24 -27.21
CA SER A 207 -3.08 9.90 -25.95
C SER A 207 -4.08 11.00 -25.66
N GLY A 208 -4.57 11.03 -24.42
CA GLY A 208 -5.43 12.12 -23.95
C GLY A 208 -4.61 13.07 -23.09
N ALA A 209 -4.82 14.37 -23.31
CA ALA A 209 -3.90 15.37 -22.77
C ALA A 209 -4.65 16.52 -22.12
N CYS A 210 -5.63 16.22 -21.29
CA CYS A 210 -6.31 17.17 -20.40
C CYS A 210 -7.14 18.20 -21.16
N ASP A 211 -7.14 18.19 -22.49
CA ASP A 211 -7.97 19.07 -23.28
C ASP A 211 -9.24 18.40 -23.75
N ALA A 212 -9.63 17.30 -23.10
CA ALA A 212 -10.77 16.49 -23.52
C ALA A 212 -10.59 15.98 -24.95
N SER A 213 -9.34 15.86 -25.39
CA SER A 213 -9.03 15.46 -26.75
C SER A 213 -8.02 14.32 -26.74
N ALA A 214 -8.24 13.35 -27.62
CA ALA A 214 -7.31 12.26 -27.82
C ALA A 214 -6.84 12.27 -29.27
N LYS A 215 -5.53 12.27 -29.46
CA LYS A 215 -4.93 12.35 -30.79
C LYS A 215 -4.32 11.01 -31.15
N LEU A 216 -4.62 10.52 -32.34
CA LEU A 216 -4.00 9.31 -32.89
C LEU A 216 -2.75 9.70 -33.65
N TRP A 217 -1.63 9.09 -33.29
CA TRP A 217 -0.33 9.44 -33.84
C TRP A 217 0.21 8.31 -34.72
N ASP A 218 0.87 8.69 -35.80
CA ASP A 218 1.58 7.73 -36.64
C ASP A 218 3.04 7.69 -36.16
N VAL A 219 3.44 6.54 -35.61
CA VAL A 219 4.77 6.44 -35.01
C VAL A 219 5.85 6.55 -36.06
N ARG A 220 5.61 5.99 -37.26
CA ARG A 220 6.61 6.02 -38.30
C ARG A 220 6.91 7.43 -38.78
N GLU A 221 5.87 8.25 -38.96
CA GLU A 221 6.06 9.60 -39.48
C GLU A 221 6.20 10.63 -38.36
N GLY A 222 5.18 10.75 -37.51
CA GLY A 222 5.27 11.66 -36.39
C GLY A 222 4.24 12.76 -36.38
N MET A 223 3.20 12.64 -37.20
CA MET A 223 2.12 13.62 -37.25
C MET A 223 0.82 12.96 -36.79
N CYS A 224 0.05 13.67 -35.98
CA CYS A 224 -1.22 13.15 -35.49
C CYS A 224 -2.22 13.10 -36.64
N ARG A 225 -2.64 11.89 -37.00
CA ARG A 225 -3.53 11.72 -38.15
C ARG A 225 -4.86 12.39 -37.92
N GLN A 226 -5.42 12.29 -36.71
CA GLN A 226 -6.77 12.75 -36.46
C GLN A 226 -6.96 13.03 -34.98
N THR A 227 -7.68 14.10 -34.68
CA THR A 227 -7.93 14.55 -33.32
C THR A 227 -9.39 14.31 -32.97
N PHE A 228 -9.63 13.76 -31.79
CA PHE A 228 -10.97 13.39 -31.34
C PHE A 228 -11.47 14.40 -30.34
N THR A 229 -12.63 14.99 -30.61
CA THR A 229 -13.27 15.91 -29.70
C THR A 229 -14.17 15.14 -28.74
N GLY A 230 -15.01 15.84 -27.99
CA GLY A 230 -15.83 15.24 -26.97
C GLY A 230 -15.23 15.44 -25.60
N HIS A 231 -15.85 14.80 -24.61
CA HIS A 231 -15.43 14.87 -23.21
C HIS A 231 -15.54 16.28 -22.66
N GLU A 232 -15.53 16.42 -21.33
CA GLU A 232 -15.67 17.71 -20.70
C GLU A 232 -14.56 18.04 -19.71
N SER A 233 -13.62 17.13 -19.50
CA SER A 233 -12.57 17.34 -18.51
C SER A 233 -11.30 16.65 -18.99
N ASP A 234 -10.36 16.48 -18.07
CA ASP A 234 -9.07 15.90 -18.42
C ASP A 234 -9.20 14.40 -18.63
N ILE A 235 -8.78 13.93 -19.81
CA ILE A 235 -8.79 12.51 -20.12
C ILE A 235 -7.66 11.85 -19.35
N ASN A 236 -8.01 11.12 -18.29
CA ASN A 236 -7.02 10.53 -17.38
C ASN A 236 -6.58 9.13 -17.78
N ALA A 237 -7.21 8.53 -18.78
CA ALA A 237 -6.86 7.17 -19.17
C ALA A 237 -7.31 6.93 -20.60
N ILE A 238 -6.53 6.14 -21.33
CA ILE A 238 -6.88 5.78 -22.70
C ILE A 238 -6.40 4.35 -22.96
N CYS A 239 -7.30 3.52 -23.48
CA CYS A 239 -6.96 2.16 -23.86
C CYS A 239 -7.34 1.93 -25.31
N PHE A 240 -6.71 0.94 -25.92
CA PHE A 240 -6.92 0.64 -27.33
C PHE A 240 -7.72 -0.65 -27.44
N PHE A 241 -8.69 -0.65 -28.36
CA PHE A 241 -9.50 -1.84 -28.58
C PHE A 241 -8.59 -2.97 -29.07
N PRO A 242 -8.87 -4.23 -28.71
CA PRO A 242 -8.02 -5.32 -29.22
C PRO A 242 -7.97 -5.42 -30.74
N ASN A 243 -9.02 -5.00 -31.43
CA ASN A 243 -9.04 -5.14 -32.89
C ASN A 243 -8.01 -4.24 -33.56
N GLY A 244 -7.81 -3.04 -33.02
CA GLY A 244 -6.77 -2.14 -33.51
C GLY A 244 -7.27 -0.85 -34.13
N ASN A 245 -8.57 -0.63 -34.28
CA ASN A 245 -9.07 0.61 -34.88
C ASN A 245 -10.18 1.23 -34.04
N ALA A 246 -10.06 1.14 -32.72
CA ALA A 246 -10.97 1.81 -31.81
C ALA A 246 -10.25 1.99 -30.48
N PHE A 247 -10.71 2.95 -29.69
CA PHE A 247 -10.10 3.21 -28.40
C PHE A 247 -11.10 3.89 -27.47
N ALA A 248 -11.00 3.56 -26.19
CA ALA A 248 -11.87 4.11 -25.15
C ALA A 248 -11.05 4.95 -24.19
N THR A 249 -11.63 6.07 -23.76
CA THR A 249 -10.95 7.03 -22.91
C THR A 249 -11.75 7.27 -21.64
N GLY A 250 -11.04 7.55 -20.55
CA GLY A 250 -11.67 7.91 -19.29
C GLY A 250 -11.22 9.30 -18.87
N SER A 251 -12.16 10.07 -18.30
CA SER A 251 -11.87 11.45 -17.95
C SER A 251 -12.24 11.76 -16.51
N ASP A 252 -12.24 13.04 -16.16
CA ASP A 252 -12.60 13.48 -14.82
C ASP A 252 -14.08 13.82 -14.70
N ASP A 253 -14.87 13.65 -15.75
CA ASP A 253 -16.30 13.90 -15.71
C ASP A 253 -17.12 12.63 -15.53
N ALA A 254 -16.47 11.55 -15.09
CA ALA A 254 -17.14 10.28 -14.77
C ALA A 254 -17.76 9.62 -16.00
N THR A 255 -17.26 9.92 -17.19
CA THR A 255 -17.77 9.32 -18.41
C THR A 255 -16.62 8.62 -19.14
N CYS A 256 -16.84 7.36 -19.49
CA CYS A 256 -15.96 6.63 -20.41
C CYS A 256 -16.56 6.69 -21.79
N ARG A 257 -15.75 7.06 -22.79
CA ARG A 257 -16.24 7.28 -24.13
C ARG A 257 -15.40 6.48 -25.12
N LEU A 258 -16.08 5.83 -26.07
CA LEU A 258 -15.43 4.98 -27.05
C LEU A 258 -15.41 5.67 -28.41
N PHE A 259 -14.22 5.80 -28.98
CA PHE A 259 -14.04 6.39 -30.30
C PHE A 259 -13.58 5.30 -31.27
N ASP A 260 -13.70 5.59 -32.56
CA ASP A 260 -13.21 4.70 -33.60
C ASP A 260 -12.32 5.52 -34.53
N LEU A 261 -11.21 4.92 -34.95
CA LEU A 261 -10.25 5.65 -35.79
C LEU A 261 -10.78 5.82 -37.20
N ARG A 262 -11.44 4.80 -37.74
CA ARG A 262 -11.94 4.88 -39.12
C ARG A 262 -13.12 5.83 -39.23
N ALA A 263 -13.97 5.88 -38.19
CA ALA A 263 -15.11 6.80 -38.20
C ALA A 263 -14.80 8.13 -37.55
N ASP A 264 -13.64 8.24 -36.89
CA ASP A 264 -13.14 9.47 -36.23
C ASP A 264 -14.27 10.28 -35.58
N GLN A 265 -15.17 9.63 -34.87
CA GLN A 265 -16.16 10.31 -34.05
C GLN A 265 -16.58 9.41 -32.90
N GLU A 266 -17.27 10.02 -31.94
CA GLU A 266 -17.77 9.26 -30.79
C GLU A 266 -18.69 8.14 -31.24
N LEU A 267 -18.55 6.97 -30.60
CA LEU A 267 -19.42 5.85 -30.84
C LEU A 267 -20.43 5.66 -29.71
N MET A 268 -19.95 5.57 -28.46
CA MET A 268 -20.84 5.35 -27.32
C MET A 268 -20.30 6.13 -26.13
N THR A 269 -21.18 6.33 -25.14
CA THR A 269 -20.82 6.97 -23.88
C THR A 269 -21.18 6.03 -22.75
N TYR A 270 -20.19 5.67 -21.93
CA TYR A 270 -20.39 4.78 -20.79
C TYR A 270 -20.50 5.64 -19.54
N SER A 271 -21.66 6.30 -19.40
CA SER A 271 -21.91 7.21 -18.31
C SER A 271 -23.14 6.76 -17.54
N HIS A 272 -23.08 6.85 -16.22
CA HIS A 272 -24.19 6.49 -15.35
C HIS A 272 -24.41 7.62 -14.36
N ASP A 273 -25.67 7.84 -13.99
CA ASP A 273 -25.97 8.95 -13.08
C ASP A 273 -25.46 8.69 -11.68
N ASN A 274 -25.26 7.41 -11.32
CA ASN A 274 -24.86 7.09 -9.95
C ASN A 274 -23.43 7.54 -9.66
N ILE A 275 -22.49 7.25 -10.55
CA ILE A 275 -21.09 7.61 -10.29
C ILE A 275 -20.84 9.04 -10.73
N ILE A 276 -20.02 9.75 -9.96
CA ILE A 276 -19.78 11.17 -10.20
C ILE A 276 -18.29 11.46 -10.19
N CYS A 277 -17.49 10.46 -9.82
CA CYS A 277 -16.05 10.60 -9.77
C CYS A 277 -15.42 10.15 -11.08
N GLY A 278 -14.26 10.72 -11.38
CA GLY A 278 -13.59 10.46 -12.64
C GLY A 278 -13.06 9.03 -12.73
N ILE A 279 -12.53 8.72 -13.91
CA ILE A 279 -11.95 7.41 -14.20
C ILE A 279 -10.44 7.56 -14.23
N THR A 280 -9.75 6.70 -13.49
CA THR A 280 -8.30 6.74 -13.39
C THR A 280 -7.60 5.79 -14.35
N SER A 281 -8.21 4.68 -14.69
CA SER A 281 -7.59 3.68 -15.54
C SER A 281 -8.66 2.92 -16.31
N VAL A 282 -8.37 2.60 -17.57
CA VAL A 282 -9.30 1.92 -18.46
C VAL A 282 -8.52 0.88 -19.27
N SER A 283 -9.08 -0.32 -19.37
CA SER A 283 -8.54 -1.33 -20.27
C SER A 283 -9.65 -2.27 -20.69
N PHE A 284 -9.64 -2.67 -21.96
CA PHE A 284 -10.63 -3.59 -22.50
C PHE A 284 -10.34 -5.02 -22.06
N SER A 285 -11.27 -5.92 -22.41
CA SER A 285 -11.06 -7.34 -22.23
C SER A 285 -10.31 -7.90 -23.43
N LYS A 286 -10.15 -9.23 -23.46
CA LYS A 286 -9.38 -9.84 -24.55
C LYS A 286 -10.06 -9.66 -25.89
N SER A 287 -11.38 -9.88 -25.95
CA SER A 287 -12.14 -9.63 -27.16
C SER A 287 -12.79 -8.25 -27.17
N GLY A 288 -12.63 -7.48 -26.09
CA GLY A 288 -13.11 -6.12 -26.04
C GLY A 288 -14.58 -5.95 -25.71
N ARG A 289 -15.29 -7.05 -25.40
CA ARG A 289 -16.69 -6.91 -25.00
C ARG A 289 -16.81 -6.15 -23.70
N LEU A 290 -15.88 -6.36 -22.78
CA LEU A 290 -15.89 -5.69 -21.49
C LEU A 290 -14.99 -4.46 -21.52
N LEU A 291 -15.44 -3.39 -20.88
CA LEU A 291 -14.68 -2.15 -20.75
C LEU A 291 -14.49 -1.89 -19.26
N LEU A 292 -13.45 -2.47 -18.68
CA LEU A 292 -13.16 -2.29 -17.27
C LEU A 292 -12.56 -0.92 -17.03
N ALA A 293 -13.02 -0.25 -15.98
CA ALA A 293 -12.62 1.12 -15.69
C ALA A 293 -12.58 1.34 -14.19
N GLY A 294 -11.50 1.94 -13.71
CA GLY A 294 -11.34 2.23 -12.29
C GLY A 294 -11.64 3.69 -11.99
N TYR A 295 -12.53 3.89 -11.03
CA TYR A 295 -12.96 5.22 -10.63
C TYR A 295 -12.43 5.57 -9.24
N ASP A 296 -12.70 6.80 -8.82
CA ASP A 296 -12.25 7.32 -7.54
C ASP A 296 -13.18 6.93 -6.39
N ASP A 297 -14.29 6.25 -6.67
CA ASP A 297 -15.22 5.80 -5.64
C ASP A 297 -14.79 4.52 -4.96
N PHE A 298 -13.50 4.18 -5.05
CA PHE A 298 -12.87 3.05 -4.37
C PHE A 298 -13.24 1.71 -5.00
N ASN A 299 -13.78 1.70 -6.21
CA ASN A 299 -14.12 0.47 -6.90
C ASN A 299 -14.09 0.68 -8.40
N CYS A 300 -14.05 -0.43 -9.13
CA CYS A 300 -14.05 -0.44 -10.59
C CYS A 300 -15.39 -0.95 -11.09
N ASN A 301 -15.88 -0.35 -12.17
CA ASN A 301 -17.14 -0.75 -12.77
C ASN A 301 -16.87 -1.37 -14.13
N VAL A 302 -17.47 -2.53 -14.37
CA VAL A 302 -17.31 -3.25 -15.62
C VAL A 302 -18.45 -2.84 -16.55
N TRP A 303 -18.09 -2.36 -17.74
CA TRP A 303 -19.06 -1.91 -18.72
C TRP A 303 -19.06 -2.85 -19.93
N ASP A 304 -20.24 -3.05 -20.49
CA ASP A 304 -20.35 -3.75 -21.76
C ASP A 304 -20.06 -2.77 -22.88
N ALA A 305 -18.98 -3.01 -23.62
CA ALA A 305 -18.51 -2.03 -24.59
C ALA A 305 -19.47 -1.80 -25.74
N LEU A 306 -20.47 -2.67 -25.91
CA LEU A 306 -21.38 -2.55 -27.03
C LEU A 306 -22.74 -1.95 -26.65
N LYS A 307 -23.17 -2.10 -25.40
CA LYS A 307 -24.45 -1.57 -24.97
C LYS A 307 -24.37 -0.47 -23.92
N ALA A 308 -23.23 -0.31 -23.26
CA ALA A 308 -23.02 0.70 -22.22
C ALA A 308 -24.01 0.52 -21.06
N ASP A 309 -23.94 -0.64 -20.43
CA ASP A 309 -24.65 -0.91 -19.20
C ASP A 309 -23.68 -1.55 -18.20
N ARG A 310 -23.88 -1.25 -16.93
CA ARG A 310 -22.97 -1.72 -15.88
C ARG A 310 -23.06 -3.24 -15.78
N ALA A 311 -22.06 -3.92 -16.33
CA ALA A 311 -22.03 -5.37 -16.29
C ALA A 311 -21.66 -5.94 -14.94
N GLY A 312 -21.04 -5.13 -14.08
CA GLY A 312 -20.65 -5.58 -12.76
C GLY A 312 -19.83 -4.55 -12.01
N VAL A 313 -19.72 -4.71 -10.69
CA VAL A 313 -18.95 -3.81 -9.85
C VAL A 313 -17.78 -4.59 -9.28
N LEU A 314 -16.58 -4.08 -9.52
CA LEU A 314 -15.35 -4.78 -9.10
C LEU A 314 -14.90 -4.25 -7.74
N ALA A 315 -15.79 -4.37 -6.77
CA ALA A 315 -15.54 -3.82 -5.45
C ALA A 315 -14.54 -4.68 -4.68
N GLY A 316 -13.97 -4.08 -3.64
CA GLY A 316 -13.03 -4.78 -2.79
C GLY A 316 -11.79 -3.98 -2.41
N HIS A 317 -11.77 -2.71 -2.81
CA HIS A 317 -10.63 -1.84 -2.54
C HIS A 317 -10.99 -0.82 -1.47
N ASP A 318 -10.04 -0.57 -0.57
CA ASP A 318 -10.23 0.40 0.51
C ASP A 318 -9.91 1.83 0.11
N ASN A 319 -9.49 2.05 -1.14
CA ASN A 319 -9.19 3.39 -1.62
C ASN A 319 -9.39 3.42 -3.13
N ARG A 320 -9.07 4.57 -3.73
CA ARG A 320 -9.30 4.76 -5.16
C ARG A 320 -8.45 3.80 -5.99
N VAL A 321 -9.09 3.16 -6.97
CA VAL A 321 -8.40 2.24 -7.86
C VAL A 321 -7.59 3.08 -8.85
N SER A 322 -6.29 3.22 -8.59
CA SER A 322 -5.47 4.09 -9.41
C SER A 322 -5.16 3.48 -10.78
N CYS A 323 -4.84 2.18 -10.80
CA CYS A 323 -4.46 1.51 -12.04
C CYS A 323 -5.28 0.25 -12.22
N LEU A 324 -5.37 -0.20 -13.47
CA LEU A 324 -6.19 -1.34 -13.83
C LEU A 324 -5.69 -1.90 -15.15
N GLY A 325 -5.32 -3.18 -15.15
CA GLY A 325 -4.80 -3.83 -16.34
C GLY A 325 -5.36 -5.21 -16.58
N VAL A 326 -5.38 -5.64 -17.84
CA VAL A 326 -5.90 -6.94 -18.24
C VAL A 326 -4.79 -7.70 -18.94
N THR A 327 -4.70 -9.00 -18.64
CA THR A 327 -3.63 -9.82 -19.19
C THR A 327 -3.78 -9.99 -20.69
N ASP A 328 -2.67 -10.38 -21.34
CA ASP A 328 -2.69 -10.56 -22.78
C ASP A 328 -3.64 -11.68 -23.20
N ASP A 329 -3.63 -12.78 -22.45
CA ASP A 329 -4.59 -13.86 -22.71
C ASP A 329 -5.96 -13.57 -22.11
N GLY A 330 -6.10 -12.48 -21.36
CA GLY A 330 -7.38 -12.08 -20.83
C GLY A 330 -7.94 -12.97 -19.74
N MET A 331 -7.07 -13.72 -19.05
CA MET A 331 -7.56 -14.65 -18.04
C MET A 331 -7.56 -14.06 -16.64
N ALA A 332 -7.15 -12.80 -16.49
CA ALA A 332 -7.18 -12.14 -15.20
C ALA A 332 -7.16 -10.62 -15.39
N VAL A 333 -7.61 -9.92 -14.36
CA VAL A 333 -7.58 -8.46 -14.32
C VAL A 333 -6.92 -8.04 -13.02
N ALA A 334 -5.94 -7.14 -13.10
CA ALA A 334 -5.21 -6.66 -11.94
C ALA A 334 -5.59 -5.21 -11.69
N THR A 335 -6.03 -4.91 -10.47
CA THR A 335 -6.42 -3.57 -10.07
C THR A 335 -5.53 -3.12 -8.93
N GLY A 336 -4.90 -1.97 -9.08
CA GLY A 336 -4.12 -1.36 -8.03
C GLY A 336 -4.81 -0.12 -7.50
N SER A 337 -4.73 0.07 -6.18
CA SER A 337 -5.41 1.17 -5.52
C SER A 337 -4.43 1.88 -4.59
N TRP A 338 -4.94 2.89 -3.89
CA TRP A 338 -4.13 3.70 -3.00
C TRP A 338 -3.96 3.08 -1.63
N ASP A 339 -4.58 1.94 -1.35
CA ASP A 339 -4.42 1.25 -0.08
C ASP A 339 -3.19 0.35 -0.05
N SER A 340 -2.27 0.53 -1.00
CA SER A 340 -1.01 -0.23 -1.05
C SER A 340 -1.23 -1.72 -1.26
N PHE A 341 -2.28 -2.09 -2.00
CA PHE A 341 -2.57 -3.49 -2.28
C PHE A 341 -2.94 -3.65 -3.75
N LEU A 342 -2.58 -4.80 -4.31
CA LEU A 342 -2.99 -5.20 -5.64
C LEU A 342 -3.82 -6.46 -5.55
N LYS A 343 -4.96 -6.48 -6.23
CA LYS A 343 -5.86 -7.62 -6.25
C LYS A 343 -6.04 -8.10 -7.68
N ILE A 344 -5.92 -9.40 -7.89
CA ILE A 344 -6.08 -10.00 -9.20
C ILE A 344 -7.41 -10.72 -9.21
N TRP A 345 -8.28 -10.36 -10.16
CA TRP A 345 -9.64 -10.84 -10.21
C TRP A 345 -9.86 -11.69 -11.44
N ASN A 346 -10.75 -12.67 -11.31
CA ASN A 346 -11.05 -13.58 -12.40
C ASN A 346 -12.44 -14.18 -12.25
N THR B 5 4.57 36.81 -37.44
CA THR B 5 5.78 36.00 -37.45
C THR B 5 5.55 34.68 -36.73
N ALA B 6 5.87 34.64 -35.43
CA ALA B 6 5.67 33.43 -34.66
C ALA B 6 4.18 33.11 -34.49
N SER B 7 3.37 34.13 -34.21
CA SER B 7 1.92 33.92 -34.13
C SER B 7 1.40 33.39 -35.45
N ILE B 8 1.82 34.00 -36.56
CA ILE B 8 1.53 33.47 -37.88
C ILE B 8 2.05 32.05 -37.99
N ALA B 9 3.20 31.77 -37.38
CA ALA B 9 3.81 30.44 -37.53
C ALA B 9 2.92 29.34 -36.93
N GLN B 10 2.48 29.50 -35.67
CA GLN B 10 1.72 28.39 -35.11
C GLN B 10 0.30 28.37 -35.63
N ALA B 11 -0.25 29.55 -36.01
CA ALA B 11 -1.55 29.52 -36.67
C ALA B 11 -1.47 28.80 -38.01
N ARG B 12 -0.37 28.98 -38.73
CA ARG B 12 -0.17 28.36 -40.04
C ARG B 12 0.00 26.84 -39.90
N LYS B 13 0.80 26.41 -38.92
CA LYS B 13 0.91 24.99 -38.63
C LYS B 13 -0.43 24.41 -38.18
N LEU B 14 -1.18 25.17 -37.38
CA LEU B 14 -2.47 24.70 -36.87
C LEU B 14 -3.45 24.48 -38.00
N VAL B 15 -3.59 25.46 -38.89
CA VAL B 15 -4.52 25.32 -40.00
C VAL B 15 -4.07 24.18 -40.92
N GLU B 16 -2.76 24.00 -41.09
CA GLU B 16 -2.30 22.81 -41.81
C GLU B 16 -2.74 21.53 -41.13
N GLN B 17 -2.70 21.51 -39.80
CA GLN B 17 -3.07 20.29 -39.08
C GLN B 17 -4.54 19.97 -39.31
N LEU B 18 -5.43 20.95 -39.16
CA LEU B 18 -6.83 20.65 -39.45
C LEU B 18 -7.06 20.34 -40.93
N LYS B 19 -6.27 20.93 -41.83
CA LYS B 19 -6.43 20.60 -43.24
C LYS B 19 -6.08 19.14 -43.51
N MET B 20 -4.98 18.67 -42.93
CA MET B 20 -4.60 17.27 -43.07
C MET B 20 -5.65 16.36 -42.43
N GLU B 21 -6.16 16.75 -41.25
CA GLU B 21 -7.17 15.95 -40.58
C GLU B 21 -8.46 15.91 -41.40
N ALA B 22 -8.75 16.95 -42.17
CA ALA B 22 -9.98 16.98 -42.96
C ALA B 22 -9.92 15.98 -44.12
N ASN B 23 -8.81 15.98 -44.85
CA ASN B 23 -8.70 15.16 -46.07
C ASN B 23 -8.25 13.75 -45.71
N ILE B 24 -9.18 13.02 -45.08
CA ILE B 24 -8.97 11.61 -44.74
C ILE B 24 -10.27 10.87 -45.02
N ASP B 25 -10.16 9.65 -45.54
CA ASP B 25 -11.35 8.85 -45.81
C ASP B 25 -12.07 8.55 -44.51
N ARG B 26 -13.40 8.52 -44.57
CA ARG B 26 -14.25 8.34 -43.41
C ARG B 26 -15.14 7.12 -43.63
N ILE B 27 -14.86 6.05 -42.90
CA ILE B 27 -15.67 4.84 -43.00
C ILE B 27 -17.03 5.09 -42.38
N LYS B 28 -18.07 4.50 -42.97
CA LYS B 28 -19.43 4.73 -42.52
C LYS B 28 -19.60 4.20 -41.10
N VAL B 29 -20.33 4.93 -40.26
CA VAL B 29 -20.39 4.58 -38.85
C VAL B 29 -21.11 3.26 -38.65
N SER B 30 -22.15 2.99 -39.44
CA SER B 30 -22.85 1.71 -39.34
C SER B 30 -21.91 0.55 -39.67
N LYS B 31 -21.12 0.70 -40.74
CA LYS B 31 -20.13 -0.32 -41.06
C LYS B 31 -19.09 -0.45 -39.96
N ALA B 32 -18.68 0.69 -39.37
CA ALA B 32 -17.71 0.65 -38.28
C ALA B 32 -18.24 -0.13 -37.08
N ALA B 33 -19.48 0.16 -36.69
CA ALA B 33 -20.09 -0.56 -35.57
C ALA B 33 -20.29 -2.04 -35.90
N ALA B 34 -20.67 -2.34 -37.14
CA ALA B 34 -20.84 -3.73 -37.55
C ALA B 34 -19.52 -4.49 -37.45
N ASP B 35 -18.44 -3.88 -37.92
CA ASP B 35 -17.12 -4.50 -37.77
C ASP B 35 -16.75 -4.63 -36.30
N LEU B 36 -17.16 -3.66 -35.49
CA LEU B 36 -16.87 -3.71 -34.05
C LEU B 36 -17.50 -4.95 -33.43
N MET B 37 -18.79 -5.17 -33.70
CA MET B 37 -19.44 -6.35 -33.14
C MET B 37 -18.95 -7.64 -33.81
N ALA B 38 -18.49 -7.54 -35.06
CA ALA B 38 -17.92 -8.71 -35.73
C ALA B 38 -16.67 -9.18 -35.00
N TYR B 39 -15.77 -8.24 -34.68
CA TYR B 39 -14.61 -8.61 -33.87
C TYR B 39 -15.04 -9.04 -32.48
N CYS B 40 -16.11 -8.45 -31.95
CA CYS B 40 -16.57 -8.80 -30.62
C CYS B 40 -16.99 -10.26 -30.54
N GLU B 41 -17.78 -10.74 -31.50
CA GLU B 41 -18.25 -12.12 -31.42
C GLU B 41 -17.28 -13.10 -32.06
N ALA B 42 -16.33 -12.63 -32.85
CA ALA B 42 -15.32 -13.52 -33.41
C ALA B 42 -14.46 -14.14 -32.32
N HIS B 43 -14.09 -13.35 -31.30
CA HIS B 43 -13.29 -13.82 -30.19
C HIS B 43 -14.07 -13.84 -28.87
N ALA B 44 -15.41 -13.84 -28.94
CA ALA B 44 -16.21 -13.86 -27.72
C ALA B 44 -15.98 -15.13 -26.92
N LYS B 45 -15.86 -16.27 -27.60
CA LYS B 45 -15.66 -17.53 -26.90
C LYS B 45 -14.28 -17.65 -26.27
N GLU B 46 -13.34 -16.78 -26.65
CA GLU B 46 -11.99 -16.83 -26.12
C GLU B 46 -11.73 -15.80 -25.03
N ASP B 47 -12.79 -15.19 -24.49
CA ASP B 47 -12.65 -14.23 -23.42
C ASP B 47 -12.94 -14.89 -22.09
N PRO B 48 -11.95 -15.11 -21.23
CA PRO B 48 -12.24 -15.67 -19.90
C PRO B 48 -13.17 -14.83 -19.05
N LEU B 49 -13.11 -13.50 -19.15
CA LEU B 49 -14.06 -12.68 -18.39
C LEU B 49 -15.47 -12.84 -18.93
N LEU B 50 -15.62 -12.93 -20.25
CA LEU B 50 -16.94 -13.14 -20.85
C LEU B 50 -17.52 -14.47 -20.40
N THR B 51 -16.75 -15.56 -20.58
CA THR B 51 -17.17 -16.89 -20.17
C THR B 51 -16.20 -17.40 -19.11
N PRO B 52 -16.57 -17.35 -17.81
CA PRO B 52 -15.69 -17.88 -16.77
C PRO B 52 -15.12 -19.25 -17.10
N VAL B 53 -13.80 -19.31 -17.20
CA VAL B 53 -13.09 -20.55 -17.55
C VAL B 53 -13.25 -21.53 -16.40
N PRO B 54 -13.41 -22.84 -16.68
CA PRO B 54 -13.48 -23.82 -15.59
C PRO B 54 -12.22 -23.80 -14.74
N ALA B 55 -12.39 -24.12 -13.46
CA ALA B 55 -11.28 -24.04 -12.51
C ALA B 55 -10.13 -24.95 -12.89
N SER B 56 -10.39 -26.00 -13.66
CA SER B 56 -9.32 -26.89 -14.11
C SER B 56 -8.31 -26.15 -14.98
N GLU B 57 -8.81 -25.32 -15.91
CA GLU B 57 -7.92 -24.52 -16.75
C GLU B 57 -7.61 -23.15 -16.14
N ASN B 58 -8.24 -22.79 -15.04
CA ASN B 58 -7.98 -21.50 -14.40
C ASN B 58 -6.63 -21.55 -13.70
N PRO B 59 -5.68 -20.70 -14.07
CA PRO B 59 -4.37 -20.72 -13.40
C PRO B 59 -4.34 -19.95 -12.09
N PHE B 60 -5.40 -19.21 -11.77
CA PHE B 60 -5.48 -18.45 -10.53
C PHE B 60 -6.38 -19.12 -9.50
N ARG B 61 -6.53 -20.45 -9.57
CA ARG B 61 -7.41 -21.13 -8.64
C ARG B 61 -6.93 -20.96 -7.21
N GLU B 62 -7.89 -20.91 -6.28
CA GLU B 62 -7.57 -20.77 -4.86
C GLU B 62 -7.66 -22.11 -4.15
N ASP C 8 -28.27 -2.15 68.52
CA ASP C 8 -28.67 -3.05 67.44
C ASP C 8 -29.57 -2.35 66.45
N CYS C 9 -28.99 -1.44 65.67
CA CYS C 9 -29.76 -0.72 64.66
C CYS C 9 -30.21 -1.68 63.56
N LEU C 10 -31.44 -1.49 63.08
CA LEU C 10 -32.04 -2.37 62.10
C LEU C 10 -32.20 -1.66 60.75
N PHE C 11 -32.15 -2.46 59.69
CA PHE C 11 -32.34 -1.97 58.33
C PHE C 11 -33.56 -2.59 57.65
N ASP C 12 -34.48 -3.16 58.43
CA ASP C 12 -35.66 -3.79 57.84
C ASP C 12 -36.51 -2.77 57.08
N GLY C 13 -36.87 -1.67 57.73
CA GLY C 13 -37.51 -0.59 57.03
C GLY C 13 -36.65 -0.04 55.91
N VAL C 14 -35.33 0.05 56.16
CA VAL C 14 -34.41 0.51 55.13
C VAL C 14 -34.42 -0.44 53.94
N ASN C 15 -34.34 -1.76 54.20
CA ASN C 15 -34.23 -2.68 53.07
C ASN C 15 -35.54 -2.75 52.28
N GLU C 16 -36.70 -2.66 52.94
CA GLU C 16 -37.94 -2.60 52.17
C GLU C 16 -38.06 -1.28 51.42
N LEU C 17 -37.60 -0.18 52.01
CA LEU C 17 -37.63 1.10 51.31
C LEU C 17 -36.80 1.03 50.05
N MET C 18 -35.58 0.47 50.13
CA MET C 18 -34.81 0.19 48.93
C MET C 18 -35.58 -0.68 47.96
N LYS C 19 -36.10 -1.83 48.44
CA LYS C 19 -36.89 -2.74 47.62
C LYS C 19 -37.93 -2.00 46.81
N THR C 20 -38.43 -0.87 47.33
CA THR C 20 -39.32 -0.02 46.55
C THR C 20 -38.57 0.91 45.59
N LEU C 21 -37.78 1.85 46.11
CA LEU C 21 -37.38 2.93 45.22
C LEU C 21 -36.13 2.61 44.41
N GLN C 22 -35.25 1.73 44.90
CA GLN C 22 -34.12 1.33 44.08
C GLN C 22 -34.61 0.50 42.90
N PHE C 23 -35.67 -0.29 43.10
CA PHE C 23 -36.31 -0.97 41.97
C PHE C 23 -36.93 0.04 41.01
N ALA C 24 -37.62 1.06 41.57
CA ALA C 24 -38.24 2.07 40.72
C ALA C 24 -37.20 2.81 39.89
N VAL C 25 -36.05 3.10 40.48
CA VAL C 25 -34.97 3.80 39.78
C VAL C 25 -34.11 2.86 38.93
N HIS C 26 -34.21 1.55 39.15
CA HIS C 26 -33.48 0.59 38.34
C HIS C 26 -34.23 0.24 37.06
N ILE C 27 -35.56 0.28 37.10
CA ILE C 27 -36.38 0.01 35.92
C ILE C 27 -35.93 0.87 34.73
N PRO C 28 -36.00 2.21 34.82
CA PRO C 28 -35.73 3.00 33.63
C PRO C 28 -34.27 3.12 33.24
N THR C 29 -33.31 3.09 34.17
CA THR C 29 -31.91 3.00 33.75
C THR C 29 -31.67 1.69 33.02
N PHE C 30 -32.30 0.61 33.48
CA PHE C 30 -32.14 -0.68 32.81
C PHE C 30 -32.66 -0.62 31.38
N VAL C 31 -33.89 -0.14 31.19
CA VAL C 31 -34.44 -0.07 29.83
C VAL C 31 -33.62 0.88 28.96
N LEU C 32 -33.30 2.06 29.51
CA LEU C 32 -32.68 3.12 28.74
C LEU C 32 -31.26 2.71 28.34
N GLY C 33 -30.51 2.13 29.27
CA GLY C 33 -29.21 1.58 28.92
C GLY C 33 -29.30 0.41 27.97
N LEU C 34 -30.32 -0.45 28.12
CA LEU C 34 -30.45 -1.57 27.20
C LEU C 34 -30.49 -1.08 25.77
N LEU C 35 -31.41 -0.15 25.46
CA LEU C 35 -31.47 0.28 24.06
C LEU C 35 -30.31 1.20 23.70
N LEU C 36 -29.78 1.98 24.66
CA LEU C 36 -28.65 2.84 24.35
C LEU C 36 -27.43 2.03 23.90
N ASN C 37 -27.01 1.05 24.70
CA ASN C 37 -25.86 0.26 24.31
C ASN C 37 -26.15 -0.76 23.21
N LEU C 38 -27.40 -1.16 22.99
CA LEU C 38 -27.69 -1.89 21.76
C LEU C 38 -27.40 -1.01 20.55
N LEU C 39 -27.88 0.24 20.59
CA LEU C 39 -27.63 1.17 19.50
C LEU C 39 -26.14 1.44 19.35
N ALA C 40 -25.43 1.58 20.46
CA ALA C 40 -23.99 1.85 20.43
C ALA C 40 -23.22 0.66 19.86
N ILE C 41 -23.59 -0.56 20.25
CA ILE C 41 -22.91 -1.74 19.73
C ILE C 41 -23.12 -1.82 18.22
N HIS C 42 -24.34 -1.54 17.74
CA HIS C 42 -24.60 -1.52 16.30
C HIS C 42 -23.77 -0.45 15.62
N GLY C 43 -23.76 0.76 16.18
CA GLY C 43 -23.07 1.87 15.55
C GLY C 43 -21.59 1.63 15.43
N PHE C 44 -20.96 1.09 16.49
CA PHE C 44 -19.54 0.81 16.39
C PHE C 44 -19.24 -0.42 15.56
N SER C 45 -20.19 -1.36 15.44
CA SER C 45 -20.02 -2.41 14.44
C SER C 45 -19.93 -1.82 13.04
N THR C 46 -20.82 -0.87 12.72
CA THR C 46 -20.70 -0.18 11.45
C THR C 46 -19.36 0.54 11.34
N PHE C 47 -19.04 1.38 12.33
CA PHE C 47 -17.79 2.14 12.29
C PHE C 47 -16.59 1.25 12.06
N LEU C 48 -16.63 0.03 12.60
CA LEU C 48 -15.58 -0.93 12.29
C LEU C 48 -15.67 -1.43 10.85
N LYS C 49 -16.89 -1.60 10.31
CA LYS C 49 -16.98 -2.24 9.01
C LYS C 49 -16.66 -1.30 7.85
N ASN C 50 -17.28 -0.11 7.80
CA ASN C 50 -16.96 0.76 6.66
C ASN C 50 -15.80 1.70 6.97
N ARG C 51 -15.93 2.52 8.02
CA ARG C 51 -14.88 3.47 8.37
C ARG C 51 -13.78 2.78 9.19
N TRP C 52 -13.25 1.70 8.60
CA TRP C 52 -12.24 0.90 9.30
C TRP C 52 -10.92 1.63 9.54
N PRO C 53 -10.29 2.27 8.55
CA PRO C 53 -8.83 2.49 8.66
C PRO C 53 -8.41 3.36 9.83
N ASP C 54 -8.93 4.58 9.92
CA ASP C 54 -8.60 5.44 11.05
C ASP C 54 -9.44 5.14 12.28
N TYR C 55 -10.69 4.71 12.09
CA TYR C 55 -11.61 4.43 13.18
C TYR C 55 -11.64 2.92 13.47
N ALA C 56 -10.51 2.41 13.95
CA ALA C 56 -10.40 0.98 14.24
C ALA C 56 -10.18 0.70 15.72
N ALA C 57 -9.10 1.21 16.31
CA ALA C 57 -8.77 0.88 17.68
C ALA C 57 -9.68 1.57 18.68
N THR C 58 -9.97 2.86 18.43
CA THR C 58 -10.88 3.59 19.29
C THR C 58 -12.25 2.93 19.29
N SER C 59 -12.70 2.50 18.11
CA SER C 59 -13.89 1.68 18.02
C SER C 59 -13.77 0.42 18.86
N ILE C 60 -12.57 -0.16 18.93
CA ILE C 60 -12.39 -1.40 19.67
C ILE C 60 -12.61 -1.18 21.16
N TYR C 61 -11.98 -0.14 21.75
CA TYR C 61 -12.19 0.00 23.19
C TYR C 61 -13.57 0.54 23.51
N MET C 62 -14.19 1.31 22.62
CA MET C 62 -15.59 1.67 22.88
C MET C 62 -16.50 0.45 22.74
N ILE C 63 -16.17 -0.48 21.86
CA ILE C 63 -16.92 -1.73 21.76
C ILE C 63 -16.82 -2.49 23.08
N ASN C 64 -15.62 -2.57 23.64
CA ASN C 64 -15.43 -3.26 24.91
C ASN C 64 -16.20 -2.58 26.03
N LEU C 65 -16.15 -1.25 26.11
CA LEU C 65 -16.87 -0.55 27.16
C LEU C 65 -18.38 -0.76 27.01
N ALA C 66 -18.87 -0.73 25.76
CA ALA C 66 -20.29 -0.96 25.51
C ALA C 66 -20.70 -2.36 25.93
N VAL C 67 -19.87 -3.36 25.64
CA VAL C 67 -20.22 -4.72 26.04
C VAL C 67 -20.19 -4.87 27.56
N PHE C 68 -19.27 -4.18 28.24
CA PHE C 68 -19.23 -4.24 29.69
C PHE C 68 -20.50 -3.64 30.28
N ASP C 69 -20.93 -2.48 29.77
CA ASP C 69 -22.15 -1.88 30.28
C ASP C 69 -23.39 -2.69 29.89
N LEU C 70 -23.34 -3.38 28.75
CA LEU C 70 -24.44 -4.28 28.38
C LEU C 70 -24.54 -5.45 29.36
N LEU C 71 -23.40 -6.01 29.75
CA LEU C 71 -23.43 -7.05 30.79
C LEU C 71 -23.96 -6.49 32.10
N LEU C 72 -23.60 -5.24 32.42
CA LEU C 72 -24.13 -4.62 33.63
C LEU C 72 -25.66 -4.52 33.57
N VAL C 73 -26.19 -4.00 32.47
CA VAL C 73 -27.64 -3.82 32.38
C VAL C 73 -28.35 -5.17 32.31
N LEU C 74 -27.68 -6.20 31.78
CA LEU C 74 -28.26 -7.54 31.82
C LEU C 74 -28.27 -8.10 33.23
N SER C 75 -27.29 -7.74 34.04
CA SER C 75 -27.25 -8.19 35.43
C SER C 75 -28.22 -7.42 36.33
N LEU C 76 -28.56 -6.17 35.97
CA LEU C 76 -29.45 -5.37 36.82
C LEU C 76 -30.78 -6.03 37.14
N PRO C 77 -31.57 -6.54 36.18
CA PRO C 77 -32.89 -7.07 36.55
C PRO C 77 -32.78 -8.37 37.33
N PHE C 78 -31.76 -9.16 37.05
CA PHE C 78 -31.51 -10.35 37.85
C PHE C 78 -31.19 -9.97 39.29
N LYS C 79 -30.38 -8.92 39.47
CA LYS C 79 -30.08 -8.44 40.80
C LYS C 79 -31.34 -7.95 41.51
N MET C 80 -32.21 -7.24 40.79
CA MET C 80 -33.44 -6.74 41.40
C MET C 80 -34.34 -7.90 41.79
N VAL C 81 -34.41 -8.94 40.96
CA VAL C 81 -35.23 -10.11 41.27
C VAL C 81 -34.70 -10.79 42.52
N LEU C 82 -33.38 -10.97 42.61
CA LEU C 82 -32.82 -11.66 43.76
C LEU C 82 -32.88 -10.81 45.01
N SER C 83 -32.94 -9.48 44.87
CA SER C 83 -33.11 -8.61 46.02
C SER C 83 -34.56 -8.62 46.51
N GLN C 84 -35.51 -8.75 45.58
CA GLN C 84 -36.93 -8.72 45.95
C GLN C 84 -37.38 -10.04 46.54
N VAL C 85 -37.29 -11.11 45.77
CA VAL C 85 -37.76 -12.43 46.19
C VAL C 85 -36.59 -13.19 46.81
N GLN C 86 -36.92 -14.17 47.65
CA GLN C 86 -35.89 -15.00 48.25
C GLN C 86 -35.16 -15.79 47.18
N SER C 87 -33.87 -16.05 47.42
CA SER C 87 -32.99 -16.69 46.45
C SER C 87 -33.51 -18.07 46.07
N PRO C 88 -33.98 -18.26 44.83
CA PRO C 88 -34.43 -19.60 44.42
C PRO C 88 -33.34 -20.64 44.48
N PHE C 89 -32.12 -20.28 44.10
CA PHE C 89 -31.00 -21.22 44.07
C PHE C 89 -29.73 -20.41 44.25
N PRO C 90 -28.98 -20.63 45.33
CA PRO C 90 -27.94 -19.67 45.73
C PRO C 90 -26.84 -19.44 44.71
N SER C 91 -26.41 -20.48 44.00
CA SER C 91 -25.34 -20.30 43.03
C SER C 91 -25.74 -19.30 41.96
N LEU C 92 -27.05 -19.20 41.68
CA LEU C 92 -27.53 -18.16 40.78
C LEU C 92 -27.30 -16.77 41.38
N CYS C 93 -27.52 -16.61 42.68
CA CYS C 93 -27.28 -15.32 43.32
C CYS C 93 -25.80 -14.93 43.25
N THR C 94 -24.90 -15.88 43.53
CA THR C 94 -23.49 -15.53 43.43
C THR C 94 -23.05 -15.34 41.99
N LEU C 95 -23.73 -16.00 41.04
CA LEU C 95 -23.49 -15.72 39.62
C LEU C 95 -23.88 -14.29 39.30
N VAL C 96 -25.02 -13.83 39.81
CA VAL C 96 -25.44 -12.45 39.62
C VAL C 96 -24.40 -11.49 40.19
N GLU C 97 -23.94 -11.79 41.41
CA GLU C 97 -22.92 -10.95 42.05
C GLU C 97 -21.65 -10.89 41.21
N CYS C 98 -21.17 -12.06 40.77
CA CYS C 98 -19.93 -12.11 39.99
C CYS C 98 -20.08 -11.38 38.66
N LEU C 99 -21.20 -11.57 37.97
CA LEU C 99 -21.41 -10.90 36.70
C LEU C 99 -21.46 -9.39 36.89
N TYR C 100 -22.19 -8.92 37.88
CA TYR C 100 -22.28 -7.48 38.12
C TYR C 100 -20.90 -6.91 38.46
N PHE C 101 -20.17 -7.58 39.35
CA PHE C 101 -18.86 -7.07 39.76
C PHE C 101 -17.90 -7.05 38.59
N VAL C 102 -17.84 -8.14 37.84
CA VAL C 102 -16.92 -8.21 36.71
C VAL C 102 -17.27 -7.16 35.67
N SER C 103 -18.56 -6.96 35.39
CA SER C 103 -18.94 -6.00 34.37
C SER C 103 -18.63 -4.57 34.81
N MET C 104 -18.93 -4.24 36.07
CA MET C 104 -18.74 -2.86 36.52
C MET C 104 -17.25 -2.52 36.65
N TYR C 105 -16.46 -3.43 37.22
CA TYR C 105 -15.03 -3.17 37.31
C TYR C 105 -14.36 -3.20 35.94
N GLY C 106 -14.83 -4.06 35.03
CA GLY C 106 -14.32 -4.00 33.67
C GLY C 106 -14.66 -2.68 33.00
N SER C 107 -15.86 -2.15 33.26
CA SER C 107 -16.22 -0.85 32.71
C SER C 107 -15.32 0.24 33.23
N VAL C 108 -15.06 0.27 34.54
CA VAL C 108 -14.23 1.33 35.10
C VAL C 108 -12.78 1.19 34.64
N PHE C 109 -12.29 -0.04 34.51
CA PHE C 109 -10.90 -0.20 34.08
C PHE C 109 -10.76 0.06 32.59
N THR C 110 -11.79 -0.22 31.79
CA THR C 110 -11.78 0.18 30.39
C THR C 110 -11.83 1.70 30.25
N ARG C 111 -12.58 2.36 31.13
CA ARG C 111 -12.58 3.82 31.13
C ARG C 111 -11.19 4.35 31.47
N CYS C 112 -10.53 3.74 32.45
CA CYS C 112 -9.17 4.13 32.78
C CYS C 112 -8.22 3.91 31.62
N PHE C 113 -8.39 2.79 30.90
CA PHE C 113 -7.59 2.54 29.70
C PHE C 113 -7.85 3.60 28.63
N ILE C 114 -9.11 4.00 28.46
CA ILE C 114 -9.44 5.03 27.48
C ILE C 114 -8.77 6.35 27.86
N SER C 115 -8.82 6.71 29.14
CA SER C 115 -8.17 7.94 29.58
C SER C 115 -6.67 7.87 29.38
N MET C 116 -6.05 6.71 29.67
CA MET C 116 -4.65 6.52 29.39
C MET C 116 -4.34 6.72 27.92
N ASP C 117 -5.14 6.12 27.04
CA ASP C 117 -4.89 6.23 25.61
C ASP C 117 -5.02 7.66 25.13
N ARG C 118 -6.05 8.37 25.59
CA ARG C 118 -6.24 9.75 25.17
C ARG C 118 -5.11 10.64 25.67
N PHE C 119 -4.71 10.47 26.93
CA PHE C 119 -3.61 11.27 27.47
C PHE C 119 -2.31 10.98 26.75
N LEU C 120 -2.05 9.71 26.44
CA LEU C 120 -0.83 9.36 25.72
C LEU C 120 -0.84 9.96 24.33
N ALA C 121 -1.98 9.87 23.63
CA ALA C 121 -2.05 10.41 22.28
C ALA C 121 -1.86 11.92 22.27
N ILE C 122 -2.46 12.62 23.23
CA ILE C 122 -2.34 14.07 23.26
C ILE C 122 -0.95 14.50 23.70
N ARG C 123 -0.45 13.92 24.79
CA ARG C 123 0.83 14.35 25.36
C ARG C 123 1.98 13.88 24.50
N TYR C 124 1.96 12.62 24.06
CA TYR C 124 2.98 12.04 23.20
C TYR C 124 2.37 11.75 21.83
N PRO C 125 2.32 12.74 20.93
CA PRO C 125 1.67 12.51 19.63
C PRO C 125 2.45 11.56 18.74
N LEU C 126 3.77 11.75 18.67
CA LEU C 126 4.58 10.98 17.73
C LEU C 126 4.63 9.51 18.13
N LEU C 127 4.95 9.23 19.39
CA LEU C 127 5.08 7.85 19.83
C LEU C 127 3.75 7.10 19.72
N VAL C 128 2.65 7.76 20.07
CA VAL C 128 1.35 7.10 19.97
C VAL C 128 0.97 6.87 18.51
N SER C 129 1.18 7.88 17.66
CA SER C 129 0.87 7.71 16.24
C SER C 129 1.70 6.60 15.63
N HIS C 130 2.89 6.34 16.17
CA HIS C 130 3.70 5.24 15.65
C HIS C 130 3.32 3.90 16.27
N LEU C 131 2.83 3.89 17.50
CA LEU C 131 2.56 2.65 18.24
C LEU C 131 1.12 2.57 18.70
N ARG C 132 0.17 2.88 17.80
CA ARG C 132 -1.25 2.68 18.07
C ARG C 132 -1.86 1.94 16.90
N SER C 133 -1.83 0.62 16.97
CA SER C 133 -2.47 -0.25 16.00
C SER C 133 -3.64 -0.97 16.63
N PRO C 134 -4.64 -1.38 15.83
CA PRO C 134 -5.77 -2.12 16.40
C PRO C 134 -5.36 -3.39 17.14
N ARG C 135 -4.27 -4.03 16.72
CA ARG C 135 -3.85 -5.26 17.40
C ARG C 135 -3.45 -4.99 18.84
N LYS C 136 -2.70 -3.91 19.08
CA LYS C 136 -2.28 -3.59 20.44
C LYS C 136 -3.48 -3.32 21.33
N ILE C 137 -4.46 -2.59 20.81
CA ILE C 137 -5.65 -2.27 21.60
C ILE C 137 -6.48 -3.52 21.84
N PHE C 138 -6.58 -4.40 20.85
CA PHE C 138 -7.30 -5.66 21.04
C PHE C 138 -6.62 -6.49 22.12
N GLY C 139 -5.29 -6.55 22.10
CA GLY C 139 -4.57 -7.27 23.14
C GLY C 139 -4.77 -6.67 24.52
N ILE C 140 -4.76 -5.34 24.61
CA ILE C 140 -4.97 -4.69 25.90
C ILE C 140 -6.38 -4.95 26.40
N CYS C 141 -7.36 -4.96 25.49
CA CYS C 141 -8.75 -5.20 25.91
C CYS C 141 -8.94 -6.65 26.36
N CYS C 142 -8.30 -7.59 25.67
CA CYS C 142 -8.33 -8.98 26.13
C CYS C 142 -7.66 -9.12 27.50
N THR C 143 -6.53 -8.41 27.69
CA THR C 143 -5.87 -8.43 28.98
C THR C 143 -6.79 -7.90 30.08
N ILE C 144 -7.51 -6.81 29.80
CA ILE C 144 -8.43 -6.24 30.78
C ILE C 144 -9.56 -7.21 31.07
N TRP C 145 -10.08 -7.86 30.02
CA TRP C 145 -11.13 -8.85 30.20
C TRP C 145 -10.69 -9.98 31.12
N VAL C 146 -9.54 -10.59 30.85
CA VAL C 146 -9.10 -11.72 31.67
C VAL C 146 -8.74 -11.24 33.08
N LEU C 147 -8.15 -10.05 33.20
CA LEU C 147 -7.80 -9.55 34.53
C LEU C 147 -9.04 -9.37 35.39
N VAL C 148 -10.06 -8.71 34.85
CA VAL C 148 -11.27 -8.49 35.62
C VAL C 148 -11.99 -9.81 35.90
N TRP C 149 -11.95 -10.74 34.94
CA TRP C 149 -12.71 -11.98 35.12
C TRP C 149 -12.07 -12.87 36.18
N THR C 150 -10.74 -12.96 36.21
CA THR C 150 -10.10 -13.73 37.27
C THR C 150 -9.95 -12.92 38.56
N GLY C 151 -10.22 -11.62 38.55
CA GLY C 151 -10.29 -10.88 39.79
C GLY C 151 -11.65 -10.97 40.45
N SER C 152 -12.69 -11.15 39.63
CA SER C 152 -14.05 -11.20 40.16
C SER C 152 -14.29 -12.45 41.00
N ILE C 153 -13.74 -13.59 40.57
CA ILE C 153 -14.06 -14.86 41.24
C ILE C 153 -13.62 -14.87 42.71
N PRO C 154 -12.36 -14.59 43.05
CA PRO C 154 -11.96 -14.71 44.47
C PRO C 154 -12.73 -13.79 45.40
N ILE C 155 -13.08 -12.59 44.94
CA ILE C 155 -13.76 -11.62 45.81
C ILE C 155 -15.15 -12.12 46.19
N TYR C 156 -15.90 -12.63 45.22
CA TYR C 156 -17.28 -13.07 45.45
C TYR C 156 -17.39 -14.57 45.70
N SER C 157 -16.29 -15.32 45.61
CA SER C 157 -16.34 -16.74 45.97
C SER C 157 -16.61 -16.90 47.46
N PHE C 158 -15.96 -16.10 48.30
CA PHE C 158 -16.19 -16.18 49.74
C PHE C 158 -17.62 -15.79 50.09
N HIS C 159 -18.15 -14.75 49.45
CA HIS C 159 -19.54 -14.38 49.67
C HIS C 159 -20.47 -15.49 49.19
N GLY C 160 -20.10 -16.18 48.11
CA GLY C 160 -20.93 -17.27 47.62
C GLY C 160 -21.07 -18.41 48.61
N LYS C 161 -20.04 -18.64 49.43
CA LYS C 161 -20.14 -19.65 50.47
C LYS C 161 -21.22 -19.28 51.48
N VAL C 162 -21.30 -17.99 51.84
CA VAL C 162 -22.34 -17.50 52.74
C VAL C 162 -23.63 -17.20 52.01
N GLU C 163 -23.58 -16.96 50.69
CA GLU C 163 -24.77 -16.60 49.92
C GLU C 163 -25.70 -17.80 49.85
N LYS C 164 -26.74 -17.78 50.66
CA LYS C 164 -27.83 -18.76 50.57
C LYS C 164 -29.15 -18.08 50.21
N TYR C 165 -29.60 -17.11 51.00
CA TYR C 165 -30.80 -16.35 50.68
C TYR C 165 -30.68 -14.85 50.94
N MET C 166 -29.55 -14.36 51.45
CA MET C 166 -29.49 -12.99 51.92
C MET C 166 -29.46 -12.02 50.74
N CYS C 167 -28.54 -12.25 49.79
CA CYS C 167 -28.47 -11.54 48.52
C CYS C 167 -28.61 -10.03 48.68
N PHE C 168 -29.62 -9.44 48.02
CA PHE C 168 -29.99 -8.03 48.20
C PHE C 168 -28.76 -7.15 47.94
N HIS C 169 -28.47 -6.17 48.80
CA HIS C 169 -27.33 -5.27 48.61
C HIS C 169 -26.50 -5.04 49.87
N ASN C 170 -27.00 -5.37 51.06
CA ASN C 170 -26.33 -4.96 52.28
C ASN C 170 -24.96 -5.62 52.42
N MET C 171 -24.90 -6.94 52.30
CA MET C 171 -23.67 -7.70 52.48
C MET C 171 -23.28 -8.41 51.19
N SER C 172 -23.81 -7.93 50.06
CA SER C 172 -23.49 -8.54 48.77
C SER C 172 -22.28 -7.88 48.11
N ASP C 173 -21.20 -7.75 48.87
CA ASP C 173 -19.94 -7.25 48.34
C ASP C 173 -18.82 -7.74 49.27
N ASP C 174 -18.13 -8.79 48.83
CA ASP C 174 -17.04 -9.44 49.57
C ASP C 174 -17.26 -9.48 51.08
N THR C 175 -16.24 -9.09 51.85
CA THR C 175 -16.28 -9.15 53.30
C THR C 175 -15.74 -7.84 53.85
N TRP C 176 -16.30 -7.41 54.99
CA TRP C 176 -15.91 -6.15 55.60
C TRP C 176 -14.60 -6.27 56.37
N SER C 177 -13.56 -6.78 55.71
CA SER C 177 -12.26 -6.98 56.33
C SER C 177 -11.34 -5.83 55.93
N ALA C 178 -10.75 -5.16 56.92
CA ALA C 178 -9.87 -4.04 56.64
C ALA C 178 -8.66 -4.49 55.82
N LYS C 179 -8.08 -5.64 56.17
CA LYS C 179 -6.96 -6.18 55.40
C LYS C 179 -7.34 -6.39 53.95
N VAL C 180 -8.62 -6.64 53.68
CA VAL C 180 -9.09 -6.75 52.30
C VAL C 180 -9.59 -5.40 51.79
N PHE C 181 -10.30 -4.65 52.63
CA PHE C 181 -10.92 -3.40 52.17
C PHE C 181 -9.89 -2.38 51.73
N PHE C 182 -8.90 -2.11 52.58
CA PHE C 182 -7.96 -1.02 52.29
C PHE C 182 -7.19 -1.23 51.00
N PRO C 183 -6.58 -2.39 50.73
CA PRO C 183 -6.00 -2.59 49.39
C PRO C 183 -7.05 -2.52 48.28
N LEU C 184 -8.23 -3.10 48.52
CA LEU C 184 -9.29 -3.05 47.52
C LEU C 184 -9.77 -1.63 47.31
N GLU C 185 -9.98 -0.89 48.39
CA GLU C 185 -10.43 0.49 48.26
C GLU C 185 -9.38 1.34 47.53
N VAL C 186 -8.10 1.10 47.83
CA VAL C 186 -7.05 1.84 47.15
C VAL C 186 -7.08 1.54 45.66
N PHE C 187 -6.91 0.27 45.29
CA PHE C 187 -6.81 -0.10 43.88
C PHE C 187 -8.14 0.01 43.15
N GLY C 188 -9.23 0.37 43.82
CA GLY C 188 -10.47 0.59 43.12
C GLY C 188 -10.93 2.04 43.11
N PHE C 189 -10.38 2.88 43.97
CA PHE C 189 -10.86 4.25 44.07
C PHE C 189 -9.77 5.30 43.96
N LEU C 190 -8.56 5.03 44.45
CA LEU C 190 -7.46 5.97 44.28
C LEU C 190 -6.82 5.84 42.91
N LEU C 191 -6.29 4.65 42.60
CA LEU C 191 -5.64 4.44 41.31
C LEU C 191 -6.56 4.69 40.14
N PRO C 192 -7.78 4.14 40.08
CA PRO C 192 -8.64 4.44 38.91
C PRO C 192 -9.01 5.91 38.79
N MET C 193 -9.56 6.50 39.85
CA MET C 193 -9.95 7.91 39.75
C MET C 193 -8.73 8.81 39.66
N GLY C 194 -7.62 8.46 40.31
CA GLY C 194 -6.42 9.24 40.14
C GLY C 194 -5.94 9.25 38.69
N ILE C 195 -5.92 8.08 38.06
CA ILE C 195 -5.55 7.98 36.65
C ILE C 195 -6.50 8.81 35.79
N MET C 196 -7.80 8.66 36.01
CA MET C 196 -8.78 9.38 35.21
C MET C 196 -8.62 10.88 35.35
N GLY C 197 -8.50 11.36 36.59
CA GLY C 197 -8.38 12.78 36.83
C GLY C 197 -7.10 13.36 36.23
N PHE C 198 -5.97 12.67 36.45
CA PHE C 198 -4.71 13.16 35.90
C PHE C 198 -4.74 13.20 34.39
N CYS C 199 -5.25 12.13 33.77
CA CYS C 199 -5.29 12.07 32.31
C CYS C 199 -6.19 13.14 31.73
N CYS C 200 -7.40 13.28 32.27
CA CYS C 200 -8.32 14.28 31.75
C CYS C 200 -7.80 15.69 31.96
N SER C 201 -7.24 15.97 33.14
CA SER C 201 -6.71 17.29 33.42
C SER C 201 -5.56 17.63 32.49
N ARG C 202 -4.63 16.69 32.28
CA ARG C 202 -3.49 16.95 31.42
C ARG C 202 -3.94 17.09 29.96
N SER C 203 -4.90 16.28 29.52
CA SER C 203 -5.40 16.39 28.16
C SER C 203 -6.04 17.75 27.91
N ILE C 204 -6.89 18.20 28.85
CA ILE C 204 -7.52 19.51 28.71
C ILE C 204 -6.46 20.61 28.75
N HIS C 205 -5.46 20.47 29.63
CA HIS C 205 -4.42 21.48 29.73
C HIS C 205 -3.63 21.59 28.44
N ILE C 206 -3.29 20.46 27.83
CA ILE C 206 -2.52 20.49 26.59
C ILE C 206 -3.36 21.03 25.44
N LEU C 207 -4.64 20.64 25.38
CA LEU C 207 -5.49 21.16 24.32
C LEU C 207 -5.73 22.65 24.45
N LEU C 208 -5.71 23.16 25.69
CA LEU C 208 -5.78 24.61 25.87
C LEU C 208 -4.45 25.28 25.58
N GLY C 209 -3.33 24.62 25.89
CA GLY C 209 -2.03 25.18 25.61
C GLY C 209 -1.66 25.16 24.14
N ARG C 210 -2.40 24.41 23.33
CA ARG C 210 -2.24 24.49 21.88
C ARG C 210 -2.57 25.89 21.37
N ARG C 211 -3.26 26.71 22.17
CA ARG C 211 -3.50 28.09 21.80
C ARG C 211 -2.20 28.84 21.58
N ASP C 212 -1.17 28.51 22.36
CA ASP C 212 0.13 29.16 22.20
C ASP C 212 0.75 28.88 20.84
N HIS C 213 0.34 27.79 20.18
CA HIS C 213 0.87 27.44 18.86
C HIS C 213 -0.03 27.94 17.75
N THR C 214 -1.33 27.74 17.88
CA THR C 214 -2.26 27.92 16.76
C THR C 214 -3.44 28.77 17.20
N GLN C 215 -4.01 29.50 16.24
CA GLN C 215 -5.31 30.12 16.43
C GLN C 215 -6.45 29.17 16.08
N ASP C 216 -6.14 27.99 15.53
CA ASP C 216 -7.13 26.98 15.21
C ASP C 216 -7.34 25.99 16.35
N TRP C 217 -6.97 26.38 17.57
CA TRP C 217 -7.24 25.55 18.74
C TRP C 217 -8.73 25.41 18.99
N VAL C 218 -9.53 26.39 18.55
CA VAL C 218 -10.94 26.44 18.88
C VAL C 218 -11.72 25.27 18.27
N GLN C 219 -11.20 24.63 17.23
CA GLN C 219 -11.91 23.48 16.67
C GLN C 219 -11.86 22.27 17.57
N GLN C 220 -11.06 22.29 18.64
CA GLN C 220 -11.01 21.22 19.63
C GLN C 220 -11.74 21.59 20.91
N LYS C 221 -12.60 22.60 20.86
CA LYS C 221 -13.47 22.88 22.01
C LYS C 221 -14.37 21.69 22.29
N ALA C 222 -14.87 21.03 21.24
CA ALA C 222 -15.65 19.82 21.43
C ALA C 222 -14.82 18.72 22.06
N CYS C 223 -13.54 18.62 21.68
CA CYS C 223 -12.65 17.64 22.28
C CYS C 223 -12.50 17.89 23.78
N ILE C 224 -12.26 19.15 24.15
CA ILE C 224 -12.11 19.51 25.55
C ILE C 224 -13.40 19.21 26.31
N TYR C 225 -14.55 19.55 25.72
CA TYR C 225 -15.82 19.30 26.36
C TYR C 225 -16.06 17.81 26.56
N SER C 226 -15.71 17.00 25.57
CA SER C 226 -15.88 15.55 25.70
C SER C 226 -15.00 14.98 26.80
N ILE C 227 -13.74 15.43 26.88
CA ILE C 227 -12.86 14.92 27.93
C ILE C 227 -13.39 15.34 29.30
N ALA C 228 -13.81 16.60 29.44
CA ALA C 228 -14.34 17.07 30.71
C ALA C 228 -15.62 16.32 31.07
N ALA C 229 -16.46 16.02 30.09
CA ALA C 229 -17.68 15.27 30.34
C ALA C 229 -17.37 13.85 30.78
N SER C 230 -16.36 13.23 30.19
CA SER C 230 -15.95 11.90 30.64
C SER C 230 -15.50 11.93 32.10
N LEU C 231 -14.66 12.90 32.44
CA LEU C 231 -14.20 13.00 33.83
C LEU C 231 -15.36 13.26 34.78
N ALA C 232 -16.27 14.16 34.40
CA ALA C 232 -17.40 14.49 35.26
C ALA C 232 -18.33 13.30 35.43
N VAL C 233 -18.58 12.55 34.36
CA VAL C 233 -19.45 11.38 34.46
C VAL C 233 -18.81 10.34 35.37
N PHE C 234 -17.52 10.09 35.20
CA PHE C 234 -16.83 9.15 36.07
C PHE C 234 -16.93 9.57 37.53
N VAL C 235 -16.67 10.85 37.80
CA VAL C 235 -16.71 11.32 39.18
C VAL C 235 -18.12 11.16 39.75
N VAL C 236 -19.12 11.64 39.01
CA VAL C 236 -20.49 11.66 39.52
C VAL C 236 -20.99 10.24 39.78
N SER C 237 -20.69 9.31 38.88
CA SER C 237 -21.23 7.96 38.98
C SER C 237 -20.28 6.99 39.69
N PHE C 238 -19.14 7.46 40.20
CA PHE C 238 -18.22 6.54 40.85
C PHE C 238 -17.84 6.98 42.26
N LEU C 239 -17.69 8.30 42.47
CA LEU C 239 -17.26 8.80 43.78
C LEU C 239 -18.24 8.44 44.89
N PRO C 240 -19.56 8.67 44.77
CA PRO C 240 -20.42 8.47 45.95
C PRO C 240 -20.49 7.03 46.42
N VAL C 241 -20.38 6.04 45.54
CA VAL C 241 -20.50 4.66 45.98
C VAL C 241 -19.29 4.27 46.84
N HIS C 242 -18.09 4.67 46.45
CA HIS C 242 -16.91 4.37 47.25
C HIS C 242 -16.83 5.26 48.48
N LEU C 243 -17.36 6.49 48.40
CA LEU C 243 -17.47 7.30 49.60
C LEU C 243 -18.36 6.61 50.62
N GLY C 244 -19.51 6.11 50.17
CA GLY C 244 -20.39 5.37 51.07
C GLY C 244 -19.76 4.10 51.60
N PHE C 245 -18.98 3.41 50.77
CA PHE C 245 -18.17 2.31 51.26
C PHE C 245 -17.28 2.77 52.41
N PHE C 246 -16.71 3.98 52.27
CA PHE C 246 -15.82 4.49 53.30
C PHE C 246 -16.56 4.78 54.60
N LEU C 247 -17.71 5.45 54.52
CA LEU C 247 -18.48 5.68 55.75
C LEU C 247 -18.97 4.38 56.37
N GLN C 248 -19.42 3.43 55.54
CA GLN C 248 -19.89 2.16 56.06
C GLN C 248 -18.77 1.40 56.74
N PHE C 249 -17.56 1.45 56.17
CA PHE C 249 -16.42 0.82 56.81
C PHE C 249 -16.08 1.50 58.13
N LEU C 250 -16.08 2.84 58.17
CA LEU C 250 -15.78 3.52 59.42
C LEU C 250 -16.89 3.35 60.45
N VAL C 251 -18.07 2.92 60.03
CA VAL C 251 -19.13 2.61 60.99
C VAL C 251 -19.01 1.19 61.52
N ARG C 252 -18.86 0.20 60.65
CA ARG C 252 -18.84 -1.19 61.09
C ARG C 252 -17.56 -1.52 61.87
N ASN C 253 -16.41 -1.14 61.32
CA ASN C 253 -15.12 -1.50 61.91
C ASN C 253 -14.45 -0.34 62.62
N SER C 254 -15.16 0.75 62.83
CA SER C 254 -14.62 1.92 63.51
C SER C 254 -15.78 2.61 64.23
N PHE C 255 -15.59 3.89 64.56
CA PHE C 255 -16.59 4.70 65.26
C PHE C 255 -18.00 4.42 64.74
N ILE C 256 -18.90 4.10 65.67
CA ILE C 256 -20.27 3.75 65.34
C ILE C 256 -21.14 5.00 65.47
N VAL C 257 -21.91 5.29 64.43
CA VAL C 257 -22.81 6.42 64.42
C VAL C 257 -24.19 5.94 64.86
N GLU C 258 -25.04 6.89 65.24
CA GLU C 258 -26.33 6.57 65.82
C GLU C 258 -27.25 5.89 64.80
N CYS C 259 -28.34 5.31 65.31
CA CYS C 259 -29.16 4.42 64.50
C CYS C 259 -29.78 5.14 63.30
N ARG C 260 -30.29 6.35 63.52
CA ARG C 260 -30.86 7.10 62.38
C ARG C 260 -29.79 7.41 61.35
N ALA C 261 -28.59 7.81 61.81
CA ALA C 261 -27.51 8.10 60.88
C ALA C 261 -26.95 6.82 60.25
N LYS C 262 -26.97 5.71 60.98
CA LYS C 262 -26.56 4.43 60.38
C LYS C 262 -27.52 4.03 59.27
N GLN C 263 -28.82 4.15 59.50
CA GLN C 263 -29.79 3.91 58.44
C GLN C 263 -29.59 4.88 57.29
N SER C 264 -29.27 6.14 57.60
CA SER C 264 -29.03 7.13 56.56
C SER C 264 -27.84 6.74 55.68
N ILE C 265 -26.75 6.30 56.30
CA ILE C 265 -25.56 5.97 55.51
C ILE C 265 -25.79 4.69 54.71
N SER C 266 -26.53 3.73 55.27
CA SER C 266 -26.85 2.53 54.50
C SER C 266 -27.74 2.86 53.30
N PHE C 267 -28.77 3.69 53.52
CA PHE C 267 -29.65 4.11 52.44
C PHE C 267 -28.90 4.89 51.37
N PHE C 268 -28.00 5.78 51.78
CA PHE C 268 -27.22 6.55 50.82
C PHE C 268 -26.24 5.65 50.08
N LEU C 269 -25.71 4.62 50.75
CA LEU C 269 -24.86 3.65 50.08
C LEU C 269 -25.63 2.91 48.99
N GLN C 270 -26.86 2.51 49.29
CA GLN C 270 -27.59 1.72 48.29
C GLN C 270 -28.06 2.61 47.13
N LEU C 271 -28.47 3.84 47.42
CA LEU C 271 -28.76 4.76 46.32
C LEU C 271 -27.50 5.06 45.52
N SER C 272 -26.34 5.09 46.17
CA SER C 272 -25.09 5.27 45.44
C SER C 272 -24.77 4.06 44.60
N MET C 273 -25.18 2.87 45.03
CA MET C 273 -25.06 1.68 44.19
C MET C 273 -25.90 1.83 42.93
N CYS C 274 -27.12 2.35 43.08
CA CYS C 274 -27.95 2.61 41.91
C CYS C 274 -27.29 3.65 41.00
N PHE C 275 -26.71 4.70 41.60
CA PHE C 275 -26.02 5.71 40.82
C PHE C 275 -24.79 5.14 40.13
N SER C 276 -24.16 4.13 40.73
CA SER C 276 -23.04 3.44 40.08
C SER C 276 -23.55 2.55 38.96
N ASN C 277 -24.80 2.10 39.05
CA ASN C 277 -25.38 1.33 37.95
C ASN C 277 -25.80 2.23 36.78
N VAL C 278 -26.13 3.49 37.05
CA VAL C 278 -26.52 4.42 35.98
C VAL C 278 -25.29 4.81 35.16
N ASN C 279 -24.14 4.25 35.55
CA ASN C 279 -22.90 4.42 34.81
C ASN C 279 -23.09 4.07 33.34
N CYS C 280 -23.88 3.04 33.05
CA CYS C 280 -24.07 2.63 31.66
C CYS C 280 -24.71 3.74 30.84
N CYS C 281 -25.84 4.27 31.30
CA CYS C 281 -26.54 5.31 30.56
C CYS C 281 -25.68 6.56 30.44
N LEU C 282 -24.99 6.93 31.52
CA LEU C 282 -24.10 8.09 31.43
C LEU C 282 -22.98 7.88 30.42
N ASP C 283 -22.43 6.66 30.36
CA ASP C 283 -21.38 6.37 29.40
C ASP C 283 -21.90 6.45 27.97
N VAL C 284 -23.11 5.98 27.73
CA VAL C 284 -23.68 6.12 26.38
C VAL C 284 -23.90 7.58 26.05
N PHE C 285 -24.31 8.38 27.04
CA PHE C 285 -24.52 9.80 26.78
C PHE C 285 -23.20 10.52 26.53
N CYS C 286 -22.11 10.04 27.09
CA CYS C 286 -20.83 10.76 27.02
C CYS C 286 -19.90 10.26 25.93
N TYR C 287 -19.50 8.98 25.98
CA TYR C 287 -18.44 8.50 25.10
C TYR C 287 -18.86 8.35 23.65
N TYR C 288 -20.09 7.92 23.38
CA TYR C 288 -20.52 7.73 22.00
C TYR C 288 -21.38 8.87 21.46
N PHE C 289 -22.26 9.44 22.28
CA PHE C 289 -23.17 10.47 21.78
C PHE C 289 -22.45 11.79 21.48
N VAL C 290 -21.30 12.04 22.10
CA VAL C 290 -20.54 13.24 21.79
C VAL C 290 -19.86 13.17 20.43
N ILE C 291 -19.90 12.00 19.78
CA ILE C 291 -19.14 11.77 18.56
C ILE C 291 -19.98 12.25 17.39
N LYS C 292 -19.44 13.19 16.59
CA LYS C 292 -20.22 13.76 15.50
C LYS C 292 -20.58 12.71 14.46
N GLU C 293 -19.59 11.91 14.05
CA GLU C 293 -19.83 10.91 13.02
C GLU C 293 -20.87 9.89 13.48
N PHE C 294 -20.77 9.44 14.74
CA PHE C 294 -21.77 8.53 15.28
C PHE C 294 -23.15 9.18 15.28
N ARG C 295 -23.25 10.37 15.89
CA ARG C 295 -24.53 11.02 16.09
C ARG C 295 -25.16 11.50 14.79
N MET C 296 -24.44 11.47 13.68
CA MET C 296 -25.06 11.76 12.38
C MET C 296 -25.30 10.51 11.55
N ASN C 297 -24.31 9.62 11.43
CA ASN C 297 -24.50 8.41 10.64
C ASN C 297 -25.55 7.50 11.25
N ILE C 298 -25.40 7.16 12.53
CA ILE C 298 -26.30 6.20 13.15
C ILE C 298 -27.69 6.80 13.31
N ARG C 299 -27.76 8.10 13.56
CA ARG C 299 -29.06 8.78 13.60
C ARG C 299 -29.75 8.72 12.26
N ALA C 300 -29.05 9.08 11.18
CA ALA C 300 -29.64 9.02 9.85
C ALA C 300 -29.94 7.58 9.44
N HIS C 301 -29.03 6.66 9.73
CA HIS C 301 -29.22 5.27 9.38
C HIS C 301 -29.41 4.40 10.61
N ASP D 1 33.84 -9.51 -15.23
CA ASP D 1 32.71 -10.40 -15.41
C ASP D 1 32.42 -11.18 -14.12
N VAL D 2 31.54 -12.17 -14.22
CA VAL D 2 31.20 -12.98 -13.07
C VAL D 2 32.30 -14.01 -12.83
N GLN D 3 32.84 -14.02 -11.62
CA GLN D 3 33.92 -14.92 -11.25
C GLN D 3 33.59 -15.61 -9.94
N LEU D 4 34.00 -16.87 -9.81
CA LEU D 4 33.76 -17.67 -8.61
C LEU D 4 35.02 -18.51 -8.38
N VAL D 5 35.92 -18.01 -7.54
CA VAL D 5 37.20 -18.65 -7.27
C VAL D 5 37.18 -19.19 -5.87
N GLU D 6 37.53 -20.47 -5.72
CA GLU D 6 37.63 -21.12 -4.42
C GLU D 6 39.10 -21.42 -4.13
N SER D 7 39.36 -21.78 -2.87
CA SER D 7 40.72 -22.03 -2.42
C SER D 7 40.72 -23.13 -1.38
N GLY D 8 41.88 -23.78 -1.25
CA GLY D 8 42.06 -24.86 -0.29
C GLY D 8 42.22 -26.20 -0.94
N GLY D 9 43.47 -26.67 -1.04
CA GLY D 9 43.74 -27.98 -1.62
C GLY D 9 44.97 -28.63 -1.02
N GLY D 10 44.81 -29.85 -0.50
CA GLY D 10 45.92 -30.54 0.12
C GLY D 10 45.62 -32.00 0.32
N LEU D 11 46.64 -32.74 0.70
CA LEU D 11 46.53 -34.18 0.93
C LEU D 11 46.37 -34.45 2.44
N VAL D 12 45.16 -34.21 2.92
CA VAL D 12 44.84 -34.42 4.32
C VAL D 12 44.62 -35.90 4.57
N GLN D 13 44.94 -36.35 5.77
CA GLN D 13 44.77 -37.74 6.14
C GLN D 13 43.30 -38.01 6.49
N PRO D 14 42.85 -39.26 6.35
CA PRO D 14 41.46 -39.58 6.71
C PRO D 14 41.18 -39.28 8.17
N GLY D 15 39.96 -38.80 8.43
CA GLY D 15 39.57 -38.42 9.77
C GLY D 15 39.96 -37.01 10.18
N GLY D 16 40.54 -36.23 9.28
CA GLY D 16 40.94 -34.87 9.57
C GLY D 16 39.82 -33.88 9.32
N SER D 17 40.21 -32.62 9.13
CA SER D 17 39.26 -31.56 8.88
C SER D 17 39.90 -30.49 8.00
N ARG D 18 39.07 -29.79 7.23
CA ARG D 18 39.52 -28.72 6.37
C ARG D 18 38.35 -27.78 6.09
N LYS D 19 38.69 -26.62 5.53
CA LYS D 19 37.70 -25.60 5.17
C LYS D 19 37.90 -25.20 3.72
N LEU D 20 36.82 -25.27 2.94
CA LEU D 20 36.83 -24.76 1.58
C LEU D 20 36.22 -23.38 1.56
N SER D 21 36.98 -22.39 1.11
CA SER D 21 36.51 -21.02 0.98
C SER D 21 36.33 -20.69 -0.49
N CYS D 22 35.15 -20.20 -0.84
CA CYS D 22 34.85 -19.77 -2.20
C CYS D 22 34.61 -18.26 -2.21
N SER D 23 35.42 -17.53 -2.96
CA SER D 23 35.32 -16.09 -3.04
C SER D 23 34.53 -15.69 -4.28
N ALA D 24 33.62 -14.74 -4.12
CA ALA D 24 32.78 -14.26 -5.20
C ALA D 24 33.16 -12.83 -5.55
N SER D 25 33.15 -12.53 -6.85
CA SER D 25 33.46 -11.18 -7.31
C SER D 25 32.80 -10.97 -8.67
N GLY D 26 32.00 -9.92 -8.78
CA GLY D 26 31.39 -9.54 -10.03
C GLY D 26 29.88 -9.66 -10.07
N PHE D 27 29.23 -10.04 -8.97
CA PHE D 27 27.78 -10.18 -8.96
C PHE D 27 27.29 -10.07 -7.53
N ALA D 28 25.98 -9.88 -7.38
CA ALA D 28 25.35 -9.78 -6.07
C ALA D 28 25.36 -11.15 -5.41
N PHE D 29 26.31 -11.36 -4.50
CA PHE D 29 26.45 -12.66 -3.85
C PHE D 29 25.30 -12.93 -2.89
N SER D 30 24.75 -11.89 -2.27
CA SER D 30 23.68 -12.08 -1.30
C SER D 30 22.44 -12.66 -1.96
N SER D 31 22.10 -12.18 -3.17
CA SER D 31 20.87 -12.63 -3.82
C SER D 31 21.00 -14.05 -4.34
N PHE D 32 22.20 -14.48 -4.70
CA PHE D 32 22.41 -15.79 -5.30
C PHE D 32 22.61 -16.85 -4.22
N GLY D 33 21.83 -17.93 -4.30
CA GLY D 33 22.11 -19.10 -3.50
C GLY D 33 23.32 -19.84 -4.01
N MET D 34 23.95 -20.60 -3.11
CA MET D 34 25.20 -21.27 -3.42
C MET D 34 25.09 -22.76 -3.14
N HIS D 35 25.65 -23.57 -4.04
CA HIS D 35 25.72 -25.01 -3.89
C HIS D 35 27.18 -25.44 -3.78
N TRP D 36 27.37 -26.76 -3.70
CA TRP D 36 28.69 -27.37 -3.69
C TRP D 36 28.58 -28.71 -4.39
N VAL D 37 29.18 -28.82 -5.56
CA VAL D 37 29.20 -30.06 -6.33
C VAL D 37 30.62 -30.57 -6.40
N ARG D 38 30.80 -31.87 -6.23
CA ARG D 38 32.12 -32.48 -6.20
C ARG D 38 32.20 -33.59 -7.24
N GLN D 39 33.41 -33.81 -7.76
CA GLN D 39 33.66 -34.84 -8.75
C GLN D 39 34.88 -35.65 -8.33
N ALA D 40 34.71 -36.96 -8.20
CA ALA D 40 35.83 -37.85 -7.93
C ALA D 40 36.78 -37.83 -9.13
N PRO D 41 38.08 -38.20 -8.91
CA PRO D 41 39.09 -38.06 -9.97
C PRO D 41 38.62 -38.37 -11.37
N GLU D 42 37.97 -39.52 -11.58
CA GLU D 42 37.33 -39.82 -12.87
C GLU D 42 35.96 -40.42 -12.54
N LYS D 43 34.97 -39.54 -12.35
CA LYS D 43 33.58 -39.92 -12.08
C LYS D 43 32.68 -38.79 -12.56
N GLY D 44 31.41 -38.84 -12.17
CA GLY D 44 30.46 -37.80 -12.48
C GLY D 44 30.24 -36.86 -11.31
N LEU D 45 29.52 -35.77 -11.59
CA LEU D 45 29.22 -34.77 -10.58
C LEU D 45 28.29 -35.35 -9.51
N GLU D 46 28.38 -34.78 -8.31
CA GLU D 46 27.53 -35.20 -7.21
C GLU D 46 27.30 -34.02 -6.28
N TRP D 47 26.04 -33.78 -5.94
CA TRP D 47 25.67 -32.66 -5.09
C TRP D 47 26.07 -32.94 -3.64
N VAL D 48 26.48 -31.90 -2.93
CA VAL D 48 26.96 -32.05 -1.56
C VAL D 48 26.12 -31.22 -0.58
N ALA D 49 26.12 -29.91 -0.76
CA ALA D 49 25.46 -29.01 0.17
C ALA D 49 24.81 -27.86 -0.57
N TYR D 50 24.07 -27.05 0.17
CA TYR D 50 23.37 -25.89 -0.39
C TYR D 50 23.02 -24.93 0.73
N ILE D 51 23.28 -23.65 0.51
CA ILE D 51 22.85 -22.59 1.41
C ILE D 51 22.05 -21.57 0.61
N SER D 52 20.90 -21.16 1.12
CA SER D 52 20.02 -20.26 0.42
C SER D 52 20.46 -18.81 0.63
N SER D 53 19.77 -17.89 -0.01
CA SER D 53 20.04 -16.47 0.19
C SER D 53 19.67 -16.07 1.61
N GLY D 54 20.58 -15.39 2.29
CA GLY D 54 20.39 -15.06 3.68
C GLY D 54 20.58 -16.19 4.65
N SER D 55 21.17 -17.31 4.20
CA SER D 55 21.43 -18.48 5.04
C SER D 55 20.13 -19.00 5.67
N GLY D 56 19.06 -18.99 4.90
CA GLY D 56 17.78 -19.43 5.40
C GLY D 56 17.67 -20.94 5.57
N THR D 57 17.71 -21.67 4.46
CA THR D 57 17.62 -23.12 4.46
C THR D 57 18.96 -23.72 4.05
N ILE D 58 19.42 -24.72 4.80
CA ILE D 58 20.70 -25.37 4.57
C ILE D 58 20.43 -26.86 4.41
N TYR D 59 20.63 -27.38 3.20
CA TYR D 59 20.49 -28.80 2.94
C TYR D 59 21.85 -29.47 2.79
N TYR D 60 21.84 -30.79 2.87
CA TYR D 60 23.05 -31.58 2.71
C TYR D 60 22.73 -32.90 2.04
N ALA D 61 23.75 -33.50 1.43
CA ALA D 61 23.61 -34.84 0.90
C ALA D 61 23.73 -35.87 2.03
N ASP D 62 23.02 -36.98 1.88
CA ASP D 62 22.98 -37.99 2.93
C ASP D 62 24.36 -38.57 3.21
N THR D 63 25.22 -38.63 2.18
CA THR D 63 26.55 -39.19 2.38
C THR D 63 27.42 -38.28 3.23
N VAL D 64 27.07 -37.00 3.36
CA VAL D 64 27.89 -36.03 4.06
C VAL D 64 27.09 -35.25 5.10
N LYS D 65 25.91 -35.72 5.46
CA LYS D 65 25.11 -35.05 6.47
C LYS D 65 25.81 -35.13 7.83
N GLY D 66 25.88 -34.01 8.51
CA GLY D 66 26.52 -33.97 9.82
C GLY D 66 28.00 -33.64 9.80
N ARG D 67 28.77 -34.35 8.98
CA ARG D 67 30.20 -34.07 8.88
C ARG D 67 30.46 -32.69 8.29
N PHE D 68 29.69 -32.31 7.28
CA PHE D 68 29.95 -31.10 6.51
C PHE D 68 29.07 -29.97 7.00
N THR D 69 29.65 -28.76 7.05
CA THR D 69 28.93 -27.55 7.39
C THR D 69 29.23 -26.48 6.37
N ILE D 70 28.18 -25.86 5.82
CA ILE D 70 28.30 -24.81 4.82
C ILE D 70 27.78 -23.51 5.41
N SER D 71 28.61 -22.49 5.42
CA SER D 71 28.25 -21.17 5.91
C SER D 71 28.68 -20.11 4.90
N ARG D 72 27.84 -19.10 4.71
CA ARG D 72 28.14 -18.01 3.79
C ARG D 72 28.29 -16.72 4.58
N ASP D 73 29.16 -15.84 4.08
CA ASP D 73 29.43 -14.54 4.68
C ASP D 73 29.14 -13.48 3.62
N ASP D 74 27.94 -12.91 3.67
CA ASP D 74 27.53 -11.96 2.64
C ASP D 74 28.44 -10.74 2.55
N PRO D 75 28.76 -10.01 3.63
CA PRO D 75 29.68 -8.87 3.47
C PRO D 75 31.06 -9.28 2.98
N LYS D 76 31.53 -10.46 3.37
CA LYS D 76 32.81 -10.96 2.88
C LYS D 76 32.73 -11.49 1.46
N ASN D 77 31.53 -11.70 0.93
CA ASN D 77 31.32 -12.24 -0.41
C ASN D 77 32.04 -13.57 -0.58
N THR D 78 31.94 -14.41 0.44
CA THR D 78 32.67 -15.67 0.49
C THR D 78 31.75 -16.80 0.92
N LEU D 79 31.95 -17.98 0.32
CA LEU D 79 31.22 -19.19 0.67
C LEU D 79 32.19 -20.17 1.35
N PHE D 80 31.77 -20.69 2.50
CA PHE D 80 32.62 -21.56 3.30
C PHE D 80 32.01 -22.96 3.39
N LEU D 81 32.88 -23.96 3.47
CA LEU D 81 32.45 -25.35 3.61
C LEU D 81 33.36 -26.02 4.64
N GLN D 82 32.83 -26.21 5.85
CA GLN D 82 33.56 -26.88 6.92
C GLN D 82 33.34 -28.38 6.82
N MET D 83 34.40 -29.12 6.49
CA MET D 83 34.36 -30.56 6.38
C MET D 83 35.24 -31.16 7.47
N THR D 84 34.74 -32.19 8.15
CA THR D 84 35.49 -32.88 9.19
C THR D 84 35.38 -34.39 8.98
N SER D 85 36.39 -35.10 9.46
CA SER D 85 36.45 -36.56 9.39
C SER D 85 36.26 -37.05 7.96
N LEU D 86 37.15 -36.58 7.07
CA LEU D 86 37.06 -36.95 5.67
C LEU D 86 37.42 -38.42 5.48
N ARG D 87 36.70 -39.08 4.57
CA ARG D 87 37.02 -40.43 4.15
C ARG D 87 37.67 -40.40 2.77
N SER D 88 38.08 -41.58 2.31
CA SER D 88 38.64 -41.70 0.97
C SER D 88 37.60 -41.44 -0.11
N GLU D 89 36.31 -41.45 0.24
CA GLU D 89 35.26 -41.14 -0.72
C GLU D 89 35.13 -39.64 -0.97
N ASP D 90 35.83 -38.81 -0.21
CA ASP D 90 35.79 -37.37 -0.40
C ASP D 90 36.91 -36.86 -1.30
N THR D 91 37.70 -37.74 -1.88
CA THR D 91 38.75 -37.33 -2.80
C THR D 91 38.10 -36.80 -4.06
N ALA D 92 38.04 -35.47 -4.18
CA ALA D 92 37.29 -34.86 -5.27
C ALA D 92 37.72 -33.41 -5.42
N MET D 93 37.31 -32.82 -6.55
CA MET D 93 37.46 -31.40 -6.80
C MET D 93 36.09 -30.77 -6.64
N TYR D 94 35.99 -29.77 -5.75
CA TYR D 94 34.70 -29.26 -5.31
C TYR D 94 34.32 -28.03 -6.11
N TYR D 95 33.19 -28.10 -6.82
CA TYR D 95 32.70 -27.01 -7.63
C TYR D 95 31.74 -26.14 -6.85
N CYS D 96 31.96 -24.83 -6.88
CA CYS D 96 30.99 -23.89 -6.34
C CYS D 96 30.01 -23.50 -7.44
N VAL D 97 28.71 -23.51 -7.11
CA VAL D 97 27.68 -23.20 -8.07
C VAL D 97 26.75 -22.16 -7.49
N ARG D 98 26.56 -21.07 -8.23
CA ARG D 98 25.54 -20.08 -7.89
C ARG D 98 24.22 -20.45 -8.54
N SER D 99 23.13 -20.11 -7.86
CA SER D 99 21.80 -20.42 -8.36
C SER D 99 20.81 -19.46 -7.74
N ILE D 100 20.30 -18.53 -8.53
CA ILE D 100 19.26 -17.61 -8.08
C ILE D 100 17.92 -18.21 -8.44
N TYR D 101 16.93 -18.02 -7.57
CA TYR D 101 15.66 -18.72 -7.68
C TYR D 101 14.52 -17.72 -7.74
N TYR D 102 13.92 -17.56 -8.91
CA TYR D 102 12.67 -16.83 -9.07
C TYR D 102 12.03 -17.35 -10.36
N TYR D 103 10.86 -16.81 -10.68
CA TYR D 103 10.16 -17.25 -11.89
C TYR D 103 10.97 -16.86 -13.13
N GLY D 104 11.30 -17.86 -13.94
CA GLY D 104 12.09 -17.61 -15.13
C GLY D 104 13.57 -17.48 -14.90
N SER D 105 14.05 -17.74 -13.69
CA SER D 105 15.48 -17.62 -13.40
C SER D 105 16.25 -18.74 -14.11
N SER D 106 17.57 -18.71 -13.95
CA SER D 106 18.47 -19.69 -14.55
C SER D 106 19.33 -20.28 -13.45
N PRO D 107 18.78 -21.20 -12.66
CA PRO D 107 19.55 -21.79 -11.57
C PRO D 107 20.74 -22.60 -12.10
N PHE D 108 21.76 -22.71 -11.26
CA PHE D 108 23.01 -23.38 -11.63
C PHE D 108 23.62 -22.73 -12.87
N ASP D 109 23.65 -21.39 -12.85
CA ASP D 109 24.07 -20.62 -14.01
C ASP D 109 25.58 -20.67 -14.18
N PHE D 110 26.31 -20.19 -13.17
CA PHE D 110 27.76 -20.07 -13.25
C PHE D 110 28.43 -21.04 -12.29
N TRP D 111 29.47 -21.71 -12.77
CA TRP D 111 30.27 -22.62 -11.96
C TRP D 111 31.69 -22.07 -11.85
N GLY D 112 32.37 -22.46 -10.78
CA GLY D 112 33.74 -22.04 -10.53
C GLY D 112 34.70 -23.20 -10.67
N GLN D 113 35.93 -22.89 -11.09
CA GLN D 113 36.97 -23.91 -11.19
C GLN D 113 37.33 -24.39 -9.80
N GLY D 114 37.05 -25.65 -9.52
CA GLY D 114 37.18 -26.16 -8.17
C GLY D 114 38.62 -26.36 -7.75
N THR D 115 38.79 -26.56 -6.44
CA THR D 115 40.07 -26.92 -5.86
C THR D 115 40.02 -28.38 -5.41
N THR D 116 41.03 -29.14 -5.81
CA THR D 116 41.05 -30.58 -5.58
C THR D 116 41.53 -30.87 -4.16
N LEU D 117 40.77 -31.69 -3.44
CA LEU D 117 41.15 -32.19 -2.14
C LEU D 117 41.38 -33.69 -2.28
N THR D 118 42.62 -34.12 -2.08
CA THR D 118 43.01 -35.51 -2.26
C THR D 118 43.23 -36.14 -0.90
N VAL D 119 42.20 -36.76 -0.36
CA VAL D 119 42.31 -37.43 0.93
C VAL D 119 43.21 -38.64 0.81
N SER D 120 44.13 -38.78 1.75
CA SER D 120 45.12 -39.85 1.71
C SER D 120 44.47 -41.17 2.14
N SER D 121 45.29 -42.20 2.33
CA SER D 121 44.79 -43.51 2.74
C SER D 121 45.59 -44.05 3.92
N SER D 135 17.31 -44.91 -2.55
CA SER D 135 16.34 -44.49 -1.54
C SER D 135 15.44 -43.38 -2.07
N SER D 136 15.20 -42.36 -1.25
CA SER D 136 14.39 -41.23 -1.68
C SER D 136 15.07 -40.41 -2.75
N ASP D 137 16.37 -40.57 -2.94
CA ASP D 137 17.08 -39.84 -3.98
C ASP D 137 16.59 -40.27 -5.36
N ILE D 138 16.44 -39.29 -6.25
CA ILE D 138 15.95 -39.54 -7.60
C ILE D 138 17.10 -40.06 -8.44
N VAL D 139 16.99 -41.30 -8.90
CA VAL D 139 18.06 -41.93 -9.67
C VAL D 139 17.94 -41.46 -11.12
N MET D 140 18.93 -40.71 -11.58
CA MET D 140 18.99 -40.25 -12.97
C MET D 140 20.12 -40.99 -13.66
N THR D 141 19.79 -41.78 -14.68
CA THR D 141 20.75 -42.59 -15.40
C THR D 141 20.64 -42.32 -16.90
N GLN D 142 21.78 -42.21 -17.57
CA GLN D 142 21.83 -42.11 -19.02
C GLN D 142 22.67 -43.27 -19.55
N ALA D 143 22.15 -43.99 -20.54
CA ALA D 143 22.80 -45.18 -21.07
C ALA D 143 23.62 -44.84 -22.31
N THR D 144 24.60 -43.96 -22.13
CA THR D 144 25.50 -43.57 -23.21
C THR D 144 26.90 -43.39 -22.65
N SER D 145 27.89 -43.69 -23.48
CA SER D 145 29.29 -43.52 -23.11
C SER D 145 30.13 -43.50 -24.38
N SER D 146 30.84 -42.40 -24.59
CA SER D 146 31.76 -42.23 -25.72
C SER D 146 31.04 -42.44 -27.05
N VAL D 147 30.08 -41.57 -27.31
CA VAL D 147 29.34 -41.64 -28.57
C VAL D 147 30.25 -41.18 -29.71
N PRO D 148 30.47 -42.00 -30.73
CA PRO D 148 31.32 -41.59 -31.86
C PRO D 148 30.58 -40.57 -32.71
N VAL D 149 31.14 -39.36 -32.79
CA VAL D 149 30.43 -38.22 -33.36
C VAL D 149 31.32 -37.53 -34.38
N THR D 150 30.76 -37.31 -35.59
CA THR D 150 31.53 -36.57 -36.60
C THR D 150 31.26 -35.08 -36.48
N PRO D 151 32.24 -34.24 -36.79
CA PRO D 151 32.03 -32.79 -36.69
C PRO D 151 31.03 -32.29 -37.72
N GLY D 152 29.96 -31.65 -37.23
CA GLY D 152 28.91 -31.11 -38.06
C GLY D 152 27.65 -31.93 -38.12
N GLU D 153 27.68 -33.17 -37.63
CA GLU D 153 26.49 -34.01 -37.67
C GLU D 153 25.54 -33.65 -36.52
N SER D 154 24.33 -34.21 -36.58
CA SER D 154 23.31 -33.99 -35.58
C SER D 154 23.20 -35.22 -34.68
N VAL D 155 23.31 -34.99 -33.37
CA VAL D 155 23.28 -36.06 -32.39
C VAL D 155 22.26 -35.73 -31.32
N SER D 156 21.85 -36.76 -30.57
CA SER D 156 20.82 -36.62 -29.54
C SER D 156 21.27 -37.37 -28.29
N ILE D 157 21.68 -36.65 -27.27
CA ILE D 157 22.05 -37.21 -25.98
C ILE D 157 20.78 -37.39 -25.15
N SER D 158 20.66 -38.54 -24.49
CA SER D 158 19.45 -38.89 -23.76
C SER D 158 19.78 -39.12 -22.29
N CYS D 159 18.80 -38.82 -21.44
CA CYS D 159 18.89 -39.09 -20.01
C CYS D 159 17.55 -39.62 -19.54
N ARG D 160 17.58 -40.41 -18.46
CA ARG D 160 16.39 -41.04 -17.92
C ARG D 160 16.24 -40.70 -16.45
N SER D 161 15.01 -40.76 -15.96
CA SER D 161 14.69 -40.43 -14.58
C SER D 161 13.87 -41.55 -13.96
N SER D 162 14.18 -41.87 -12.70
CA SER D 162 13.42 -42.91 -12.00
C SER D 162 12.00 -42.44 -11.70
N LYS D 163 11.85 -41.22 -11.20
CA LYS D 163 10.56 -40.62 -10.92
C LYS D 163 10.37 -39.41 -11.81
N SER D 164 9.15 -39.25 -12.33
CA SER D 164 8.86 -38.16 -13.25
C SER D 164 9.19 -36.81 -12.62
N LEU D 165 9.86 -35.96 -13.39
CA LEU D 165 10.27 -34.65 -12.93
C LEU D 165 9.27 -33.56 -13.27
N LEU D 166 8.13 -33.90 -13.88
CA LEU D 166 7.12 -32.92 -14.24
C LEU D 166 6.24 -32.65 -13.02
N HIS D 167 6.32 -31.44 -12.49
CA HIS D 167 5.50 -31.04 -11.36
C HIS D 167 4.19 -30.45 -11.86
N SER D 168 3.27 -30.20 -10.92
CA SER D 168 1.99 -29.59 -11.27
C SER D 168 2.16 -28.16 -11.78
N ASN D 169 3.30 -27.52 -11.51
CA ASN D 169 3.53 -26.17 -12.01
C ASN D 169 3.70 -26.14 -13.53
N GLY D 170 3.93 -27.29 -14.16
CA GLY D 170 4.05 -27.36 -15.60
C GLY D 170 5.45 -27.28 -16.15
N ASN D 171 6.47 -27.34 -15.29
CA ASN D 171 7.85 -27.28 -15.74
C ASN D 171 8.63 -28.45 -15.16
N THR D 172 9.29 -29.21 -16.01
CA THR D 172 10.15 -30.29 -15.56
C THR D 172 11.46 -29.69 -15.04
N TYR D 173 11.94 -30.21 -13.92
CA TYR D 173 13.17 -29.70 -13.31
C TYR D 173 14.35 -30.56 -13.74
N LEU D 174 14.68 -30.44 -15.03
CA LEU D 174 15.79 -31.17 -15.63
C LEU D 174 16.78 -30.15 -16.21
N TYR D 175 18.06 -30.37 -15.94
CA TYR D 175 19.12 -29.47 -16.36
C TYR D 175 20.19 -30.22 -17.11
N TRP D 176 20.73 -29.60 -18.15
CA TRP D 176 21.84 -30.15 -18.92
C TRP D 176 23.08 -29.29 -18.69
N PHE D 177 24.21 -29.94 -18.41
CA PHE D 177 25.47 -29.25 -18.17
C PHE D 177 26.54 -29.78 -19.11
N LEU D 178 27.40 -28.88 -19.57
CA LEU D 178 28.53 -29.22 -20.42
C LEU D 178 29.82 -28.97 -19.67
N GLN D 179 30.63 -30.00 -19.49
CA GLN D 179 31.93 -29.90 -18.86
C GLN D 179 32.98 -30.20 -19.93
N ARG D 180 33.54 -29.13 -20.50
CA ARG D 180 34.57 -29.28 -21.50
C ARG D 180 35.84 -29.87 -20.87
N PRO D 181 36.65 -30.60 -21.64
CA PRO D 181 37.86 -31.20 -21.09
C PRO D 181 38.77 -30.20 -20.38
N GLY D 182 38.94 -30.37 -19.07
CA GLY D 182 39.76 -29.48 -18.29
C GLY D 182 39.11 -28.18 -17.89
N GLN D 183 37.85 -27.97 -18.26
CA GLN D 183 37.14 -26.74 -17.99
C GLN D 183 35.92 -27.03 -17.11
N SER D 184 35.59 -26.08 -16.24
CA SER D 184 34.48 -26.26 -15.32
C SER D 184 33.16 -26.37 -16.08
N PRO D 185 32.20 -27.14 -15.57
CA PRO D 185 30.92 -27.29 -16.26
C PRO D 185 30.19 -25.97 -16.42
N GLN D 186 29.45 -25.85 -17.51
CA GLN D 186 28.65 -24.68 -17.79
C GLN D 186 27.23 -25.11 -18.13
N LEU D 187 26.27 -24.24 -17.83
CA LEU D 187 24.86 -24.58 -17.99
C LEU D 187 24.44 -24.41 -19.45
N LEU D 188 23.85 -25.45 -20.02
CA LEU D 188 23.32 -25.40 -21.37
C LEU D 188 21.81 -25.22 -21.39
N ILE D 189 21.08 -26.15 -20.77
CA ILE D 189 19.63 -26.15 -20.75
C ILE D 189 19.15 -26.19 -19.31
N TYR D 190 18.20 -25.33 -18.98
CA TYR D 190 17.53 -25.36 -17.68
C TYR D 190 16.04 -25.58 -17.90
N ARG D 191 15.47 -26.53 -17.13
CA ARG D 191 14.06 -26.91 -17.21
C ARG D 191 13.70 -27.56 -18.55
N MET D 192 14.65 -28.31 -19.12
CA MET D 192 14.49 -29.23 -20.24
C MET D 192 14.33 -28.50 -21.57
N SER D 193 14.03 -27.22 -21.53
CA SER D 193 13.69 -26.56 -22.78
C SER D 193 14.42 -25.25 -22.99
N ASN D 194 14.62 -24.47 -21.94
CA ASN D 194 15.06 -23.09 -22.08
C ASN D 194 16.57 -23.04 -22.36
N LEU D 195 16.93 -22.25 -23.37
CA LEU D 195 18.34 -22.03 -23.70
C LEU D 195 18.98 -21.16 -22.63
N ALA D 196 20.17 -21.55 -22.19
CA ALA D 196 20.91 -20.72 -21.26
C ALA D 196 21.46 -19.49 -21.98
N SER D 197 21.74 -18.45 -21.20
CA SER D 197 22.25 -17.21 -21.78
C SER D 197 23.68 -17.41 -22.27
N GLY D 198 23.94 -16.99 -23.51
CA GLY D 198 25.27 -17.06 -24.09
C GLY D 198 25.59 -18.34 -24.82
N VAL D 199 24.71 -19.34 -24.81
CA VAL D 199 24.96 -20.59 -25.51
C VAL D 199 24.33 -20.53 -26.89
N PRO D 200 24.91 -21.22 -27.88
CA PRO D 200 24.35 -21.16 -29.24
C PRO D 200 23.00 -21.86 -29.33
N ASP D 201 22.22 -21.42 -30.33
CA ASP D 201 20.92 -22.03 -30.58
C ASP D 201 21.02 -23.45 -31.12
N ARG D 202 22.22 -23.90 -31.50
CA ARG D 202 22.40 -25.28 -31.93
C ARG D 202 21.98 -26.27 -30.85
N PHE D 203 22.21 -25.93 -29.59
CA PHE D 203 21.73 -26.77 -28.50
C PHE D 203 20.22 -26.64 -28.35
N SER D 204 19.54 -27.77 -28.20
CA SER D 204 18.10 -27.77 -27.99
C SER D 204 17.74 -29.03 -27.23
N GLY D 205 16.77 -28.90 -26.32
CA GLY D 205 16.36 -30.02 -25.49
C GLY D 205 14.86 -30.10 -25.39
N SER D 206 14.38 -31.32 -25.19
CA SER D 206 12.96 -31.59 -24.99
C SER D 206 12.83 -32.85 -24.15
N GLY D 207 11.60 -33.30 -23.95
CA GLY D 207 11.40 -34.52 -23.20
C GLY D 207 9.93 -34.74 -22.87
N SER D 208 9.71 -35.60 -21.89
CA SER D 208 8.37 -36.01 -21.47
C SER D 208 8.39 -36.11 -19.94
N GLY D 209 7.40 -36.79 -19.38
CA GLY D 209 7.34 -36.95 -17.94
C GLY D 209 8.59 -37.60 -17.36
N THR D 210 9.10 -38.62 -18.02
CA THR D 210 10.33 -39.27 -17.58
C THR D 210 11.41 -39.29 -18.65
N ALA D 211 11.06 -39.56 -19.90
CA ALA D 211 12.04 -39.66 -20.97
C ALA D 211 12.56 -38.27 -21.33
N PHE D 212 13.88 -38.13 -21.37
CA PHE D 212 14.53 -36.86 -21.63
C PHE D 212 15.54 -37.03 -22.78
N THR D 213 15.74 -35.97 -23.53
CA THR D 213 16.66 -36.00 -24.66
C THR D 213 17.18 -34.59 -24.94
N LEU D 214 18.43 -34.49 -25.37
CA LEU D 214 19.03 -33.23 -25.76
C LEU D 214 19.69 -33.41 -27.13
N THR D 215 19.30 -32.59 -28.09
CA THR D 215 19.78 -32.69 -29.46
C THR D 215 20.64 -31.49 -29.82
N ILE D 216 21.78 -31.75 -30.46
CA ILE D 216 22.71 -30.72 -30.89
C ILE D 216 22.78 -30.75 -32.42
N SER D 217 22.47 -29.61 -33.04
CA SER D 217 22.38 -29.58 -34.50
C SER D 217 23.76 -29.63 -35.15
N ARG D 218 24.71 -28.86 -34.64
CA ARG D 218 26.04 -28.75 -35.23
C ARG D 218 27.09 -29.10 -34.19
N LEU D 219 28.26 -29.56 -34.68
CA LEU D 219 29.32 -30.07 -33.81
C LEU D 219 30.61 -29.30 -34.11
N GLU D 220 30.82 -28.21 -33.38
CA GLU D 220 32.07 -27.47 -33.47
C GLU D 220 32.94 -27.76 -32.25
N ALA D 221 34.08 -27.08 -32.16
CA ALA D 221 35.15 -27.49 -31.26
C ALA D 221 34.77 -27.40 -29.79
N GLU D 222 33.82 -26.52 -29.44
CA GLU D 222 33.48 -26.34 -28.04
C GLU D 222 32.48 -27.37 -27.52
N ASP D 223 32.01 -28.28 -28.37
CA ASP D 223 30.96 -29.20 -27.96
C ASP D 223 31.50 -30.53 -27.46
N VAL D 224 32.72 -30.89 -27.83
CA VAL D 224 33.28 -32.17 -27.38
C VAL D 224 33.52 -32.10 -25.88
N GLY D 225 32.92 -33.05 -25.15
CA GLY D 225 33.04 -33.05 -23.70
C GLY D 225 32.13 -34.07 -23.08
N VAL D 226 31.85 -33.89 -21.79
CA VAL D 226 31.04 -34.80 -21.01
C VAL D 226 29.75 -34.09 -20.62
N TYR D 227 28.62 -34.69 -20.97
CA TYR D 227 27.32 -34.09 -20.69
C TYR D 227 26.75 -34.65 -19.39
N TYR D 228 25.87 -33.89 -18.77
CA TYR D 228 25.27 -34.29 -17.50
C TYR D 228 23.81 -33.87 -17.47
N CYS D 229 23.02 -34.60 -16.69
CA CYS D 229 21.62 -34.28 -16.46
C CYS D 229 21.37 -34.18 -14.96
N MET D 230 20.68 -33.11 -14.55
CA MET D 230 20.38 -32.84 -13.15
C MET D 230 18.87 -32.84 -12.93
N GLN D 231 18.45 -33.49 -11.85
CA GLN D 231 17.09 -33.34 -11.35
C GLN D 231 17.08 -32.26 -10.27
N HIS D 232 16.08 -31.40 -10.30
CA HIS D 232 15.91 -30.38 -9.27
C HIS D 232 14.58 -30.51 -8.56
N LEU D 233 13.86 -31.61 -8.74
CA LEU D 233 12.61 -31.82 -8.02
C LEU D 233 12.88 -32.11 -6.55
N GLU D 234 13.87 -32.95 -6.25
CA GLU D 234 14.24 -33.30 -4.89
C GLU D 234 15.62 -32.73 -4.57
N TYR D 235 15.76 -32.18 -3.37
CA TYR D 235 16.97 -31.50 -2.93
C TYR D 235 18.23 -32.36 -2.89
N PRO D 236 18.15 -33.69 -2.78
CA PRO D 236 19.37 -34.50 -2.98
C PRO D 236 20.09 -34.19 -4.28
N LEU D 237 19.37 -33.73 -5.32
CA LEU D 237 19.98 -33.19 -6.54
C LEU D 237 20.96 -34.17 -7.17
N THR D 238 20.52 -35.41 -7.33
CA THR D 238 21.36 -36.44 -7.92
C THR D 238 21.62 -36.16 -9.39
N PHE D 239 22.82 -36.46 -9.83
CA PHE D 239 23.24 -36.24 -11.21
C PHE D 239 23.02 -37.52 -12.04
N GLY D 240 23.56 -37.52 -13.24
CA GLY D 240 23.62 -38.72 -14.06
C GLY D 240 25.06 -39.14 -14.30
N ALA D 241 25.26 -40.09 -15.20
CA ALA D 241 26.60 -40.54 -15.54
C ALA D 241 27.20 -39.59 -16.58
N GLY D 242 28.34 -39.99 -17.17
CA GLY D 242 28.98 -39.16 -18.17
C GLY D 242 28.81 -39.67 -19.59
N THR D 243 28.25 -38.84 -20.47
CA THR D 243 28.05 -39.24 -21.85
C THR D 243 29.36 -39.21 -22.64
N LYS D 244 30.21 -38.22 -22.40
CA LYS D 244 31.55 -38.13 -22.99
C LYS D 244 31.47 -38.12 -24.52
N LEU D 245 30.91 -37.03 -25.03
CA LEU D 245 30.92 -36.79 -26.46
C LEU D 245 32.35 -36.79 -26.99
N GLU D 246 32.59 -37.56 -28.05
CA GLU D 246 33.93 -37.72 -28.61
C GLU D 246 33.86 -37.59 -30.13
N LEU D 247 34.88 -36.94 -30.69
CA LEU D 247 34.94 -36.76 -32.13
C LEU D 247 35.27 -38.07 -32.83
N LYS D 248 34.67 -38.28 -33.99
CA LYS D 248 34.90 -39.49 -34.77
C LYS D 248 36.00 -39.26 -35.80
N THR E 4 4.03 -29.29 -0.63
CA THR E 4 3.95 -29.93 -1.94
C THR E 4 4.65 -29.10 -3.00
N LEU E 5 5.05 -27.89 -2.62
CA LEU E 5 5.76 -27.01 -3.56
C LEU E 5 7.11 -27.60 -3.91
N SER E 6 7.54 -27.36 -5.15
CA SER E 6 8.81 -27.88 -5.62
C SER E 6 9.97 -27.20 -4.87
N ALA E 7 11.17 -27.75 -5.06
CA ALA E 7 12.35 -27.17 -4.44
C ALA E 7 12.58 -25.75 -4.94
N GLU E 8 12.44 -25.54 -6.25
CA GLU E 8 12.68 -24.22 -6.80
C GLU E 8 11.54 -23.25 -6.46
N ASP E 9 10.31 -23.74 -6.43
CA ASP E 9 9.21 -22.88 -5.97
C ASP E 9 9.37 -22.51 -4.51
N LYS E 10 9.85 -23.45 -3.69
CA LYS E 10 10.13 -23.14 -2.28
C LYS E 10 11.23 -22.11 -2.16
N ALA E 11 12.28 -22.22 -2.98
CA ALA E 11 13.35 -21.23 -2.95
C ALA E 11 12.87 -19.87 -3.44
N ALA E 12 11.98 -19.85 -4.43
CA ALA E 12 11.39 -18.59 -4.87
C ALA E 12 10.56 -17.96 -3.77
N ALA E 13 9.80 -18.78 -3.05
CA ALA E 13 9.05 -18.28 -1.90
C ALA E 13 9.99 -17.73 -0.83
N GLU E 14 11.14 -18.38 -0.64
CA GLU E 14 12.12 -17.88 0.31
C GLU E 14 12.67 -16.52 -0.12
N ARG E 15 12.95 -16.36 -1.41
CA ARG E 15 13.42 -15.08 -1.92
C ARG E 15 12.35 -14.01 -1.74
N SER E 16 11.08 -14.35 -1.98
CA SER E 16 9.99 -13.42 -1.74
C SER E 16 9.90 -13.06 -0.26
N LYS E 17 10.18 -14.03 0.63
CA LYS E 17 10.17 -13.74 2.07
C LYS E 17 11.28 -12.77 2.44
N GLU E 18 12.47 -12.94 1.85
CA GLU E 18 13.55 -11.99 2.11
C GLU E 18 13.20 -10.60 1.59
N ILE E 19 12.57 -10.53 0.41
CA ILE E 19 12.14 -9.24 -0.12
C ILE E 19 11.12 -8.59 0.81
N ASP E 20 10.17 -9.39 1.31
CA ASP E 20 9.19 -8.88 2.26
C ASP E 20 9.86 -8.42 3.55
N LYS E 21 10.90 -9.12 4.00
CA LYS E 21 11.62 -8.71 5.19
C LYS E 21 12.29 -7.36 4.98
N CYS E 22 12.91 -7.15 3.82
CA CYS E 22 13.51 -5.85 3.52
C CYS E 22 12.45 -4.76 3.46
N LEU E 23 11.31 -5.05 2.84
CA LEU E 23 10.24 -4.07 2.78
C LEU E 23 9.71 -3.73 4.16
N SER E 24 9.58 -4.73 5.03
CA SER E 24 9.15 -4.48 6.40
C SER E 24 10.18 -3.67 7.17
N ARG E 25 11.46 -3.89 6.91
CA ARG E 25 12.49 -3.05 7.53
C ARG E 25 12.34 -1.59 7.09
N GLU E 26 12.08 -1.37 5.80
CA GLU E 26 11.88 0.00 5.33
C GLU E 26 10.54 0.59 5.77
N LYS E 27 9.59 -0.27 6.16
CA LYS E 27 8.25 0.21 6.48
C LYS E 27 8.25 1.14 7.69
N THR E 28 9.06 0.83 8.70
CA THR E 28 9.09 1.68 9.89
C THR E 28 9.57 3.09 9.55
N TYR E 29 10.64 3.19 8.75
CA TYR E 29 11.11 4.50 8.34
C TYR E 29 10.09 5.21 7.47
N VAL E 30 9.43 4.47 6.57
CA VAL E 30 8.46 5.09 5.68
C VAL E 30 7.29 5.65 6.49
N LYS E 31 6.79 4.89 7.45
CA LYS E 31 5.61 5.31 8.20
C LYS E 31 5.96 6.38 9.23
N ARG E 32 7.20 6.38 9.74
CA ARG E 32 7.64 7.40 10.67
C ARG E 32 8.05 8.70 10.00
N LEU E 33 8.21 8.71 8.68
CA LEU E 33 8.70 9.88 7.97
C LEU E 33 7.58 10.90 7.76
N VAL E 34 7.88 12.16 8.01
CA VAL E 34 6.97 13.26 7.72
C VAL E 34 7.51 14.03 6.53
N LYS E 35 6.63 14.38 5.60
CA LYS E 35 6.99 15.08 4.38
C LYS E 35 6.36 16.47 4.37
N ILE E 36 7.15 17.46 3.98
CA ILE E 36 6.70 18.85 3.90
C ILE E 36 6.88 19.32 2.46
N LEU E 37 5.78 19.73 1.84
CA LEU E 37 5.83 20.29 0.49
C LEU E 37 6.10 21.78 0.59
N LEU E 38 7.28 22.21 0.17
CA LEU E 38 7.72 23.59 0.30
C LEU E 38 7.29 24.36 -0.93
N LEU E 39 6.30 25.22 -0.78
CA LEU E 39 5.78 26.06 -1.86
C LEU E 39 6.14 27.51 -1.54
N GLY E 40 6.85 28.16 -2.47
CA GLY E 40 7.26 29.53 -2.27
C GLY E 40 7.41 30.25 -3.59
N ALA E 41 7.55 31.57 -3.49
CA ALA E 41 7.74 32.41 -4.67
C ALA E 41 9.23 32.61 -4.95
N ASP E 42 9.52 33.25 -6.09
CA ASP E 42 10.90 33.51 -6.46
C ASP E 42 11.57 34.46 -5.49
N ASN E 43 10.84 35.50 -5.05
CA ASN E 43 11.38 36.48 -4.12
C ASN E 43 11.14 36.11 -2.67
N SER E 44 10.56 34.94 -2.40
CA SER E 44 10.26 34.53 -1.04
C SER E 44 11.50 34.16 -0.23
N GLY E 45 12.69 34.25 -0.81
CA GLY E 45 13.89 33.81 -0.11
C GLY E 45 13.90 32.34 0.18
N LYS E 46 13.30 31.53 -0.70
CA LYS E 46 13.26 30.09 -0.48
C LYS E 46 14.64 29.46 -0.50
N SER E 47 15.50 29.92 -1.41
CA SER E 47 16.81 29.32 -1.56
C SER E 47 17.66 29.48 -0.31
N THR E 48 17.66 30.69 0.27
CA THR E 48 18.47 30.94 1.45
C THR E 48 17.99 30.13 2.65
N PHE E 49 16.67 30.10 2.88
CA PHE E 49 16.13 29.30 3.97
C PHE E 49 16.44 27.83 3.78
N LEU E 50 16.31 27.33 2.56
CA LEU E 50 16.62 25.94 2.27
C LEU E 50 18.09 25.63 2.52
N LYS E 51 18.98 26.52 2.08
CA LYS E 51 20.41 26.29 2.26
C LYS E 51 20.77 26.30 3.74
N GLN E 52 20.20 27.23 4.52
CA GLN E 52 20.53 27.30 5.94
C GLN E 52 19.95 26.14 6.71
N MET E 53 18.77 25.65 6.31
CA MET E 53 18.10 24.63 7.09
C MET E 53 18.83 23.28 6.98
N ARG E 54 19.31 22.95 5.79
CA ARG E 54 20.04 21.69 5.61
C ARG E 54 21.36 21.72 6.39
N ILE E 55 22.00 22.88 6.45
CA ILE E 55 23.31 22.98 7.11
C ILE E 55 23.23 22.53 8.56
N ILE E 56 22.20 22.99 9.26
CA ILE E 56 22.01 22.58 10.65
C ILE E 56 21.06 21.39 10.73
N GLY E 68 14.71 18.28 -12.20
CA GLY E 68 13.31 18.34 -11.84
C GLY E 68 13.08 18.86 -10.44
N ILE E 69 12.15 18.22 -9.72
CA ILE E 69 11.87 18.62 -8.35
C ILE E 69 12.97 18.12 -7.43
N HIS E 70 13.11 18.79 -6.28
CA HIS E 70 14.19 18.50 -5.34
C HIS E 70 13.63 17.85 -4.08
N GLU E 71 14.53 17.23 -3.33
CA GLU E 71 14.21 16.63 -2.04
C GLU E 71 15.35 16.90 -1.07
N TYR E 72 15.01 17.20 0.18
CA TYR E 72 15.99 17.52 1.22
C TYR E 72 15.65 16.71 2.47
N ASP E 73 16.35 15.60 2.65
CA ASP E 73 16.16 14.75 3.82
C ASP E 73 17.04 15.23 4.95
N PHE E 74 16.46 15.36 6.14
CA PHE E 74 17.19 15.80 7.32
C PHE E 74 16.49 15.26 8.56
N GLU E 75 17.23 15.24 9.66
CA GLU E 75 16.76 14.65 10.91
C GLU E 75 16.54 15.75 11.93
N ILE E 76 15.36 15.75 12.54
CA ILE E 76 15.02 16.71 13.59
C ILE E 76 14.48 15.92 14.77
N LYS E 77 15.19 15.98 15.91
CA LYS E 77 14.78 15.30 17.14
C LYS E 77 14.51 13.82 16.89
N ASN E 78 15.40 13.19 16.13
CA ASN E 78 15.31 11.76 15.81
C ASN E 78 13.99 11.42 15.11
N VAL E 79 13.50 12.33 14.28
CA VAL E 79 12.27 12.12 13.51
C VAL E 79 12.61 12.29 12.04
N PRO E 80 12.28 11.34 11.18
CA PRO E 80 12.58 11.51 9.75
C PRO E 80 11.82 12.67 9.15
N PHE E 81 12.48 13.39 8.24
CA PHE E 81 11.90 14.54 7.58
C PHE E 81 12.29 14.51 6.10
N LYS E 82 11.45 15.14 5.27
CA LYS E 82 11.72 15.22 3.84
C LYS E 82 10.98 16.43 3.29
N MET E 83 11.71 17.48 2.95
CA MET E 83 11.12 18.69 2.41
C MET E 83 11.23 18.66 0.89
N VAL E 84 10.09 18.70 0.21
CA VAL E 84 10.02 18.54 -1.24
C VAL E 84 9.85 19.91 -1.86
N ASP E 85 10.80 20.30 -2.70
CA ASP E 85 10.76 21.57 -3.42
C ASP E 85 10.32 21.33 -4.85
N VAL E 86 9.23 21.97 -5.24
CA VAL E 86 8.68 21.83 -6.59
C VAL E 86 8.68 23.19 -7.28
N GLY E 87 9.64 24.04 -6.91
CA GLY E 87 9.68 25.38 -7.49
C GLY E 87 9.92 25.36 -8.99
N GLY E 88 10.83 24.50 -9.44
CA GLY E 88 11.13 24.44 -10.88
C GLY E 88 9.96 23.96 -11.70
N GLN E 89 9.31 22.88 -11.25
CA GLN E 89 8.19 22.28 -11.97
C GLN E 89 6.94 22.40 -11.13
N ARG E 90 6.03 23.29 -11.53
CA ARG E 90 4.76 23.48 -10.86
C ARG E 90 3.64 23.34 -11.88
N SER E 91 2.62 22.54 -11.54
CA SER E 91 1.50 22.28 -12.43
C SER E 91 0.20 22.47 -11.67
N GLU E 92 -0.84 22.86 -12.41
CA GLU E 92 -2.16 23.07 -11.84
C GLU E 92 -3.10 21.90 -12.09
N ARG E 93 -2.60 20.80 -12.64
CA ARG E 93 -3.44 19.65 -12.93
C ARG E 93 -3.73 18.86 -11.66
N LYS E 94 -4.76 18.01 -11.73
CA LYS E 94 -5.21 17.30 -10.54
C LYS E 94 -4.20 16.24 -10.10
N ARG E 95 -3.67 15.46 -11.05
CA ARG E 95 -2.78 14.36 -10.66
C ARG E 95 -1.45 14.87 -10.12
N TRP E 96 -0.97 16.01 -10.63
CA TRP E 96 0.27 16.56 -10.11
C TRP E 96 0.14 16.95 -8.65
N PHE E 97 -0.97 17.58 -8.29
CA PHE E 97 -1.22 17.91 -6.89
C PHE E 97 -1.56 16.66 -6.09
N GLU E 98 -2.12 15.63 -6.73
CA GLU E 98 -2.51 14.42 -6.04
C GLU E 98 -1.33 13.59 -5.58
N CYS E 99 -0.14 13.85 -6.10
CA CYS E 99 1.05 13.16 -5.63
C CYS E 99 1.48 13.60 -4.23
N PHE E 100 0.89 14.67 -3.71
CA PHE E 100 1.27 15.23 -2.42
C PHE E 100 0.10 15.25 -1.43
N ASP E 101 -0.88 14.37 -1.62
CA ASP E 101 -1.99 14.31 -0.68
C ASP E 101 -1.59 13.67 0.64
N SER E 102 -0.60 12.77 0.61
CA SER E 102 -0.09 12.13 1.82
C SER E 102 0.95 12.98 2.53
N VAL E 103 1.30 14.15 1.98
CA VAL E 103 2.25 15.03 2.63
C VAL E 103 1.71 15.48 3.98
N THR E 104 2.58 15.54 4.98
CA THR E 104 2.14 15.89 6.32
C THR E 104 1.71 17.35 6.40
N SER E 105 2.53 18.26 5.88
CA SER E 105 2.23 19.69 5.98
C SER E 105 2.85 20.41 4.78
N ILE E 106 2.31 21.59 4.50
CA ILE E 106 2.77 22.43 3.40
C ILE E 106 3.43 23.67 3.99
N LEU E 107 4.69 23.88 3.64
CA LEU E 107 5.45 25.04 4.10
C LEU E 107 5.34 26.13 3.04
N PHE E 108 4.51 27.13 3.30
CA PHE E 108 4.29 28.22 2.36
C PHE E 108 5.18 29.40 2.74
N LEU E 109 6.02 29.83 1.81
CA LEU E 109 6.96 30.92 2.04
C LEU E 109 6.46 32.17 1.33
N VAL E 110 6.37 33.27 2.07
CA VAL E 110 5.86 34.52 1.54
C VAL E 110 6.80 35.66 1.92
N ASP E 111 7.12 36.52 0.96
CA ASP E 111 7.92 37.71 1.21
C ASP E 111 6.99 38.80 1.70
N SER E 112 6.90 38.97 3.03
CA SER E 112 6.06 40.01 3.60
C SER E 112 6.59 41.40 3.27
N SER E 113 7.91 41.53 3.19
CA SER E 113 8.51 42.85 2.94
C SER E 113 8.12 43.39 1.58
N ASP E 114 7.97 42.51 0.59
CA ASP E 114 7.58 42.92 -0.75
C ASP E 114 6.08 43.17 -0.78
N PHE E 115 5.69 44.37 -0.32
CA PHE E 115 4.27 44.71 -0.21
C PHE E 115 3.57 44.63 -1.57
N ASN E 116 4.22 45.10 -2.63
CA ASN E 116 3.57 45.17 -3.93
C ASN E 116 3.20 43.79 -4.46
N ARG E 117 3.90 42.75 -4.00
CA ARG E 117 3.64 41.39 -4.45
C ARG E 117 2.81 40.57 -3.47
N LEU E 118 2.24 41.20 -2.44
CA LEU E 118 1.44 40.45 -1.47
C LEU E 118 0.19 39.85 -2.10
N THR E 119 -0.45 40.58 -3.03
CA THR E 119 -1.73 40.11 -3.56
C THR E 119 -1.56 38.82 -4.35
N GLU E 120 -0.51 38.72 -5.15
CA GLU E 120 -0.28 37.50 -5.92
C GLU E 120 0.06 36.33 -5.01
N SER E 121 0.83 36.59 -3.95
CA SER E 121 1.12 35.54 -2.97
C SER E 121 -0.15 35.08 -2.28
N LEU E 122 -1.06 36.03 -1.97
CA LEU E 122 -2.35 35.66 -1.39
C LEU E 122 -3.16 34.79 -2.34
N ASN E 123 -3.16 35.13 -3.63
CA ASN E 123 -3.90 34.33 -4.60
C ASN E 123 -3.32 32.92 -4.68
N ASP E 124 -1.98 32.81 -4.70
CA ASP E 124 -1.34 31.50 -4.73
C ASP E 124 -1.68 30.70 -3.47
N PHE E 125 -1.66 31.37 -2.31
CA PHE E 125 -2.01 30.69 -1.07
C PHE E 125 -3.45 30.19 -1.11
N GLU E 126 -4.36 31.00 -1.64
CA GLU E 126 -5.75 30.58 -1.77
C GLU E 126 -5.87 29.35 -2.66
N THR E 127 -5.18 29.36 -3.81
CA THR E 127 -5.25 28.22 -4.71
C THR E 127 -4.69 26.97 -4.05
N ILE E 128 -3.61 27.11 -3.28
CA ILE E 128 -3.01 25.94 -2.65
C ILE E 128 -3.91 25.39 -1.55
N VAL E 129 -4.43 26.26 -0.68
CA VAL E 129 -5.16 25.79 0.49
C VAL E 129 -6.60 25.40 0.17
N ASN E 130 -7.14 25.83 -0.97
CA ASN E 130 -8.50 25.47 -1.36
C ASN E 130 -8.48 24.53 -2.56
N ASN E 131 -7.52 23.61 -2.59
CA ASN E 131 -7.33 22.73 -3.74
C ASN E 131 -8.14 21.44 -3.61
N ARG E 132 -8.64 21.13 -2.41
CA ARG E 132 -9.45 19.94 -2.14
C ARG E 132 -8.63 18.67 -2.20
N VAL E 133 -7.37 18.78 -2.61
CA VAL E 133 -6.41 17.69 -2.48
C VAL E 133 -5.50 17.90 -1.29
N PHE E 134 -5.49 19.10 -0.70
CA PHE E 134 -4.71 19.42 0.49
C PHE E 134 -5.61 19.62 1.70
N SER E 135 -6.81 19.03 1.67
CA SER E 135 -7.73 19.17 2.80
C SER E 135 -7.17 18.50 4.04
N ASN E 136 -6.53 17.34 3.88
CA ASN E 136 -6.03 16.57 5.00
C ASN E 136 -4.61 16.95 5.41
N VAL E 137 -4.05 17.99 4.80
CA VAL E 137 -2.70 18.45 5.13
C VAL E 137 -2.81 19.79 5.82
N SER E 138 -1.80 20.11 6.63
CA SER E 138 -1.75 21.37 7.33
C SER E 138 -0.85 22.35 6.58
N ILE E 139 -1.04 23.64 6.87
CA ILE E 139 -0.30 24.71 6.20
C ILE E 139 0.53 25.43 7.25
N ILE E 140 1.85 25.39 7.09
CA ILE E 140 2.77 26.11 7.96
C ILE E 140 3.19 27.36 7.19
N LEU E 141 2.46 28.44 7.37
CA LEU E 141 2.80 29.70 6.72
C LEU E 141 4.06 30.29 7.35
N PHE E 142 4.90 30.89 6.51
CA PHE E 142 6.19 31.44 6.94
C PHE E 142 6.35 32.83 6.35
N LEU E 143 5.91 33.85 7.08
CA LEU E 143 6.15 35.23 6.68
C LEU E 143 7.63 35.54 6.88
N ASN E 144 8.38 35.57 5.77
CA ASN E 144 9.83 35.63 5.81
C ASN E 144 10.28 37.00 5.30
N LYS E 145 11.55 37.33 5.57
CA LYS E 145 12.07 38.70 5.51
C LYS E 145 11.31 39.61 6.49
N THR E 146 11.42 39.28 7.78
CA THR E 146 10.72 40.05 8.79
C THR E 146 11.43 41.35 9.13
N ASP E 147 12.77 41.40 9.05
CA ASP E 147 13.47 42.65 9.32
C ASP E 147 13.35 43.61 8.13
N LEU E 148 13.41 43.07 6.91
CA LEU E 148 13.04 43.86 5.74
C LEU E 148 11.63 44.40 5.89
N LEU E 149 10.73 43.55 6.40
CA LEU E 149 9.35 43.96 6.64
C LEU E 149 9.29 45.11 7.64
N GLU E 150 10.08 45.04 8.72
CA GLU E 150 10.00 46.09 9.73
C GLU E 150 10.57 47.42 9.21
N GLU E 151 11.67 47.37 8.46
CA GLU E 151 12.21 48.65 8.01
C GLU E 151 11.37 49.24 6.88
N LYS E 152 10.62 48.40 6.16
CA LYS E 152 9.67 48.94 5.20
C LYS E 152 8.43 49.50 5.90
N VAL E 153 7.99 48.83 6.97
CA VAL E 153 6.80 49.28 7.69
C VAL E 153 7.06 50.63 8.36
N GLN E 154 8.25 50.82 8.92
CA GLN E 154 8.53 52.11 9.53
C GLN E 154 8.61 53.24 8.51
N ILE E 155 8.64 52.93 7.22
CA ILE E 155 8.70 53.93 6.15
C ILE E 155 7.39 53.96 5.36
N VAL E 156 7.02 52.84 4.75
CA VAL E 156 5.89 52.78 3.85
C VAL E 156 4.70 52.19 4.58
N SER E 157 3.49 52.50 4.09
CA SER E 157 2.25 52.10 4.73
C SER E 157 1.57 51.01 3.92
N ILE E 158 1.07 49.98 4.62
CA ILE E 158 0.25 48.95 4.00
C ILE E 158 -1.08 49.48 3.48
N LYS E 159 -1.46 50.69 3.87
CA LYS E 159 -2.76 51.22 3.44
C LYS E 159 -2.81 51.43 1.94
N ASP E 160 -1.70 51.86 1.34
CA ASP E 160 -1.70 52.14 -0.10
C ASP E 160 -2.00 50.88 -0.90
N TYR E 161 -1.42 49.75 -0.51
CA TYR E 161 -1.64 48.50 -1.22
C TYR E 161 -2.82 47.70 -0.68
N PHE E 162 -3.23 47.95 0.56
CA PHE E 162 -4.37 47.26 1.18
C PHE E 162 -5.18 48.27 1.97
N LEU E 163 -6.37 48.61 1.47
CA LEU E 163 -7.22 49.57 2.14
C LEU E 163 -7.95 48.99 3.34
N GLU E 164 -8.02 47.66 3.44
CA GLU E 164 -8.77 47.03 4.52
C GLU E 164 -8.07 47.12 5.86
N PHE E 165 -6.80 47.49 5.89
CA PHE E 165 -6.06 47.58 7.15
C PHE E 165 -6.61 48.73 7.99
N GLU E 166 -6.67 48.52 9.31
CA GLU E 166 -7.39 49.40 10.20
C GLU E 166 -6.55 50.09 11.27
N GLY E 167 -5.38 49.57 11.61
CA GLY E 167 -4.56 50.14 12.67
C GLY E 167 -3.69 51.28 12.20
N ASP E 168 -2.59 51.50 12.92
CA ASP E 168 -1.60 52.48 12.50
C ASP E 168 -0.58 51.80 11.61
N PRO E 169 -0.43 52.20 10.34
CA PRO E 169 0.48 51.50 9.43
C PRO E 169 1.95 51.60 9.80
N HIS E 170 2.29 52.27 10.90
CA HIS E 170 3.67 52.39 11.34
C HIS E 170 3.97 51.56 12.58
N CYS E 171 3.02 50.74 13.02
CA CYS E 171 3.22 49.83 14.14
C CYS E 171 3.40 48.42 13.61
N LEU E 172 4.51 47.77 13.99
CA LEU E 172 4.83 46.47 13.44
C LEU E 172 3.76 45.43 13.76
N ARG E 173 3.26 45.42 14.99
CA ARG E 173 2.30 44.40 15.40
C ARG E 173 1.01 44.51 14.58
N ASP E 174 0.57 45.74 14.30
CA ASP E 174 -0.64 45.92 13.50
C ASP E 174 -0.47 45.32 12.10
N VAL E 175 0.66 45.61 11.45
CA VAL E 175 0.89 45.08 10.11
C VAL E 175 1.00 43.56 10.14
N GLN E 176 1.70 43.01 11.13
CA GLN E 176 1.83 41.56 11.22
C GLN E 176 0.48 40.89 11.42
N LYS E 177 -0.35 41.44 12.31
CA LYS E 177 -1.67 40.88 12.55
C LYS E 177 -2.54 41.00 11.29
N PHE E 178 -2.44 42.12 10.59
CA PHE E 178 -3.22 42.28 9.36
C PHE E 178 -2.81 41.26 8.31
N LEU E 179 -1.50 41.05 8.13
CA LEU E 179 -1.04 40.07 7.16
C LEU E 179 -1.51 38.66 7.52
N VAL E 180 -1.39 38.30 8.80
CA VAL E 180 -1.83 36.97 9.23
C VAL E 180 -3.33 36.81 9.01
N GLU E 181 -4.10 37.84 9.35
CA GLU E 181 -5.55 37.78 9.17
C GLU E 181 -5.92 37.64 7.71
N CYS E 182 -5.25 38.41 6.83
CA CYS E 182 -5.55 38.35 5.41
C CYS E 182 -5.19 36.99 4.82
N PHE E 183 -4.07 36.40 5.27
CA PHE E 183 -3.73 35.07 4.80
C PHE E 183 -4.71 34.02 5.30
N ARG E 184 -5.15 34.14 6.56
CA ARG E 184 -6.07 33.14 7.10
C ARG E 184 -7.45 33.25 6.45
N ASN E 185 -7.85 34.45 6.04
CA ASN E 185 -9.15 34.61 5.40
C ASN E 185 -9.22 33.87 4.07
N LYS E 186 -8.09 33.74 3.37
CA LYS E 186 -8.09 33.02 2.10
C LYS E 186 -8.41 31.54 2.29
N ARG E 187 -8.18 31.00 3.48
CA ARG E 187 -8.49 29.62 3.79
C ARG E 187 -10.00 29.46 3.94
N ARG E 188 -10.62 28.73 3.00
CA ARG E 188 -12.08 28.65 2.97
C ARG E 188 -12.62 27.79 4.10
N ASP E 189 -12.02 26.63 4.33
CA ASP E 189 -12.51 25.66 5.31
C ASP E 189 -11.66 25.73 6.57
N GLN E 190 -12.33 25.84 7.73
CA GLN E 190 -11.64 25.94 9.00
C GLN E 190 -11.83 24.69 9.88
N GLN E 191 -12.58 23.70 9.40
CA GLN E 191 -12.75 22.45 10.11
C GLN E 191 -11.69 21.42 9.75
N GLN E 192 -10.80 21.73 8.81
CA GLN E 192 -9.75 20.84 8.39
C GLN E 192 -8.49 21.08 9.22
N LYS E 193 -7.36 20.53 8.77
CA LYS E 193 -6.08 20.62 9.44
C LYS E 193 -5.73 22.07 9.80
N PRO E 194 -5.00 22.29 10.88
CA PRO E 194 -4.72 23.66 11.31
C PRO E 194 -3.78 24.38 10.36
N LEU E 195 -3.85 25.70 10.38
CA LEU E 195 -2.94 26.57 9.65
C LEU E 195 -2.05 27.30 10.65
N TYR E 196 -0.75 27.31 10.39
CA TYR E 196 0.24 27.82 11.32
C TYR E 196 0.97 28.98 10.68
N HIS E 197 1.25 30.02 11.47
CA HIS E 197 1.94 31.20 10.96
C HIS E 197 3.15 31.51 11.84
N HIS E 198 4.25 31.89 11.20
CA HIS E 198 5.48 32.23 11.89
C HIS E 198 6.11 33.44 11.21
N PHE E 199 6.43 34.46 12.00
CA PHE E 199 7.07 35.68 11.48
C PHE E 199 8.57 35.60 11.71
N THR E 200 9.20 34.67 11.00
CA THR E 200 10.63 34.39 11.14
C THR E 200 11.36 34.71 9.84
N THR E 201 12.54 35.30 9.98
CA THR E 201 13.41 35.56 8.85
C THR E 201 14.17 34.30 8.47
N ALA E 202 15.00 34.41 7.43
CA ALA E 202 15.81 33.28 6.99
C ALA E 202 16.98 32.98 7.90
N ILE E 203 17.42 33.95 8.70
CA ILE E 203 18.56 33.78 9.59
C ILE E 203 18.12 33.57 11.04
N ASN E 204 16.89 33.09 11.25
CA ASN E 204 16.43 32.83 12.62
C ASN E 204 17.16 31.65 13.24
N THR E 205 17.64 30.71 12.42
CA THR E 205 18.36 29.52 12.87
C THR E 205 17.53 28.64 13.80
N GLU E 206 16.25 28.99 13.99
CA GLU E 206 15.33 28.20 14.80
C GLU E 206 14.15 27.68 13.98
N ASN E 207 14.22 27.80 12.66
CA ASN E 207 13.10 27.36 11.83
C ASN E 207 12.86 25.85 11.96
N ALA E 208 13.92 25.09 12.18
CA ALA E 208 13.76 23.64 12.37
C ALA E 208 12.92 23.35 13.60
N ARG E 209 13.18 24.06 14.70
CA ARG E 209 12.40 23.85 15.92
C ARG E 209 10.92 24.18 15.70
N LEU E 210 10.64 25.30 15.02
CA LEU E 210 9.26 25.67 14.76
C LEU E 210 8.58 24.65 13.85
N ILE E 211 9.26 24.22 12.80
CA ILE E 211 8.66 23.24 11.89
C ILE E 211 8.37 21.94 12.64
N PHE E 212 9.28 21.50 13.50
CA PHE E 212 9.03 20.30 14.28
C PHE E 212 7.85 20.49 15.22
N ARG E 213 7.75 21.65 15.87
CA ARG E 213 6.63 21.91 16.76
C ARG E 213 5.31 21.85 16.01
N ASP E 214 5.27 22.45 14.82
CA ASP E 214 4.02 22.48 14.07
C ASP E 214 3.67 21.11 13.49
N VAL E 215 4.67 20.33 13.08
CA VAL E 215 4.40 18.98 12.61
C VAL E 215 3.89 18.10 13.75
N LYS E 216 4.48 18.25 14.94
CA LYS E 216 3.99 17.53 16.11
C LYS E 216 2.56 17.94 16.43
N ASP E 217 2.24 19.23 16.30
CA ASP E 217 0.87 19.68 16.50
C ASP E 217 -0.09 19.06 15.49
N THR E 218 0.35 18.97 14.23
CA THR E 218 -0.49 18.33 13.21
C THR E 218 -0.73 16.86 13.52
N ILE E 219 0.31 16.17 13.97
CA ILE E 219 0.16 14.76 14.34
C ILE E 219 -0.75 14.63 15.55
N LEU E 220 -0.68 15.59 16.48
CA LEU E 220 -1.61 15.63 17.60
C LEU E 220 -3.05 15.78 17.12
N HIS E 221 -3.26 16.65 16.14
CA HIS E 221 -4.60 16.82 15.57
C HIS E 221 -5.08 15.54 14.92
N ASP E 222 -4.20 14.84 14.20
CA ASP E 222 -4.57 13.57 13.60
C ASP E 222 -4.94 12.54 14.67
N ASN E 223 -4.18 12.51 15.77
CA ASN E 223 -4.49 11.61 16.86
C ASN E 223 -5.85 11.94 17.47
N LEU E 224 -6.13 13.24 17.66
CA LEU E 224 -7.43 13.63 18.19
C LEU E 224 -8.56 13.20 17.26
N LYS E 225 -8.34 13.33 15.95
CA LYS E 225 -9.33 12.84 15.00
C LYS E 225 -9.53 11.34 15.13
N GLN E 226 -8.45 10.59 15.33
CA GLN E 226 -8.55 9.14 15.47
C GLN E 226 -9.19 8.73 16.79
N LEU E 227 -9.15 9.59 17.80
CA LEU E 227 -9.61 9.23 19.14
C LEU E 227 -11.11 9.37 19.34
N MET E 228 -11.85 9.83 18.33
CA MET E 228 -13.30 10.07 18.48
C MET E 228 -13.58 11.05 19.62
N LEU E 229 -12.65 11.96 19.87
CA LEU E 229 -12.85 12.90 20.97
C LEU E 229 -13.71 14.09 20.58
N GLN E 230 -14.07 14.22 19.31
CA GLN E 230 -14.90 15.32 18.85
C GLN E 230 -16.24 14.82 18.32
#